data_9MFL
#
_entry.id   9MFL
#
_cell.length_a   1.00
_cell.length_b   1.00
_cell.length_c   1.00
_cell.angle_alpha   90.00
_cell.angle_beta   90.00
_cell.angle_gamma   90.00
#
_symmetry.space_group_name_H-M   'P 1'
#
loop_
_entity.id
_entity.type
_entity.pdbx_description
1 polymer 'Proton channel OTOP1'
2 non-polymer 'CHOLESTEROL HEMISUCCINATE'
3 non-polymer (3beta,5beta,14beta,17alpha)-cholestan-3-ol
#
_entity_poly.entity_id   1
_entity_poly.type   'polypeptide(L)'
_entity_poly.pdbx_seq_one_letter_code
;GPVEHGGTDSMWLNKYNPAAASSASSSSSSDAENKLFSRLKVSLTKKYPQKNAELLSAQYGTNLLLLGVSVMLALAAQSG
PVKEEHLLSFITVLMLVQLVWMLCYMIRRERERSPVPERDAHAGASWIRGGLTMLALLSLIMDAFRIGYFVGYHSCISAA
LGVYPIVHALHTISQVHFLWFHIKDVIKKYETFERFGVIHAVFTNLLLWCNGVMSETEHFMHNHRRRLIEMGYANLSTVD
VQPHCNCTTSVCSMFSTSLYYLYPFNIEYHIFVSAMLFVMWKNIGRTLDRHSNRKRRSTGSTGLLLGPLGGLVALASSVS
VLVVYLIHLEKTEEMHEAAVSMFYYYGVAMMACMCVGSGTGLLVYRMENRPMDTGSNPARTLDTELLLASSLGSWLMSWC
SVVASVAEAGQKSPSFSWTSLTYSLLLVLEKCIQNLFIVESLYRRHSEEEEDAAAPQVFSVAVPPYDGILNHGYEAHDKH
REAEPAAGSHALSRKQPDAPLPAGQRLDVTPGRKRQILKNICMFLFMCNISLWILPAFGCRPQYDNPLENETFGTSVWTT
VLNVAIPLNLFYRMHSVASLFEVFRKV
;
_entity_poly.pdbx_strand_id   A,B
#
loop_
_chem_comp.id
_chem_comp.type
_chem_comp.name
_chem_comp.formula
QNJ non-polymer (3beta,5beta,14beta,17alpha)-cholestan-3-ol 'C27 H48 O'
Y01 non-polymer 'CHOLESTEROL HEMISUCCINATE' 'C31 H50 O4'
#
# COMPACT_ATOMS: atom_id res chain seq x y z
N TYR A 48 -31.67 -11.93 -2.00
CA TYR A 48 -30.65 -11.06 -1.42
C TYR A 48 -29.75 -10.52 -2.55
N PRO A 49 -29.50 -9.21 -2.61
CA PRO A 49 -28.62 -8.70 -3.69
C PRO A 49 -27.19 -9.12 -3.43
N GLN A 50 -26.54 -9.66 -4.47
CA GLN A 50 -25.21 -10.21 -4.29
C GLN A 50 -24.10 -9.17 -4.35
N LYS A 51 -24.35 -8.01 -4.97
CA LYS A 51 -23.33 -6.95 -4.99
C LYS A 51 -22.91 -6.58 -3.58
N ASN A 52 -23.87 -6.59 -2.64
CA ASN A 52 -23.55 -6.16 -1.28
C ASN A 52 -22.55 -7.10 -0.65
N ALA A 53 -22.55 -8.37 -1.09
CA ALA A 53 -21.61 -9.34 -0.53
C ALA A 53 -20.20 -8.97 -0.95
N GLU A 54 -20.06 -8.47 -2.18
CA GLU A 54 -18.73 -8.06 -2.62
C GLU A 54 -18.27 -6.88 -1.79
N LEU A 55 -19.17 -5.91 -1.53
CA LEU A 55 -18.79 -4.76 -0.74
C LEU A 55 -18.58 -5.10 0.73
N LEU A 56 -19.50 -5.84 1.33
CA LEU A 56 -19.37 -6.12 2.75
C LEU A 56 -18.19 -7.02 3.03
N SER A 57 -17.98 -8.01 2.17
CA SER A 57 -16.83 -8.89 2.33
C SER A 57 -15.56 -8.07 2.16
N ALA A 58 -15.55 -7.16 1.18
CA ALA A 58 -14.39 -6.31 0.99
C ALA A 58 -14.10 -5.50 2.23
N GLN A 59 -15.16 -4.99 2.88
CA GLN A 59 -14.92 -4.21 4.08
C GLN A 59 -14.36 -5.10 5.18
N TYR A 60 -14.89 -6.32 5.26
CA TYR A 60 -14.38 -7.29 6.22
C TYR A 60 -12.90 -7.53 5.95
N GLY A 61 -12.57 -7.76 4.69
CA GLY A 61 -11.19 -8.04 4.35
C GLY A 61 -10.27 -6.91 4.72
N THR A 62 -10.69 -5.67 4.49
CA THR A 62 -9.73 -4.62 4.82
C THR A 62 -9.67 -4.40 6.32
N ASN A 63 -10.78 -4.68 7.03
CA ASN A 63 -10.69 -4.57 8.48
C ASN A 63 -9.82 -5.67 9.02
N LEU A 64 -9.83 -6.82 8.34
CA LEU A 64 -9.01 -7.93 8.76
C LEU A 64 -7.55 -7.54 8.61
N LEU A 65 -7.22 -6.89 7.50
CA LEU A 65 -5.85 -6.44 7.32
C LEU A 65 -5.49 -5.36 8.33
N LEU A 66 -6.40 -4.40 8.55
CA LEU A 66 -6.08 -3.27 9.42
C LEU A 66 -5.91 -3.68 10.87
N LEU A 67 -6.66 -4.69 11.34
CA LEU A 67 -6.44 -5.17 12.70
C LEU A 67 -5.03 -5.73 12.82
N GLY A 68 -4.58 -6.44 11.79
CA GLY A 68 -3.23 -6.96 11.80
C GLY A 68 -2.24 -5.83 11.95
N VAL A 69 -2.44 -4.79 11.14
CA VAL A 69 -1.51 -3.67 11.15
C VAL A 69 -1.43 -3.09 12.53
N SER A 70 -2.59 -2.92 13.19
CA SER A 70 -2.59 -2.37 14.52
C SER A 70 -1.77 -3.23 15.48
N VAL A 71 -1.99 -4.54 15.46
CA VAL A 71 -1.21 -5.39 16.36
C VAL A 71 0.24 -5.39 15.95
N MET A 72 0.53 -5.31 14.65
CA MET A 72 1.93 -5.23 14.27
C MET A 72 2.54 -3.90 14.72
N LEU A 73 1.79 -2.79 14.59
CA LEU A 73 2.38 -1.51 14.98
C LEU A 73 2.71 -1.49 16.46
N ALA A 74 1.82 -2.06 17.27
CA ALA A 74 2.00 -2.08 18.71
C ALA A 74 3.17 -2.98 19.09
N LEU A 75 3.59 -3.84 18.16
CA LEU A 75 4.67 -4.78 18.35
C LEU A 75 5.96 -4.11 17.90
N ALA A 76 5.95 -3.45 16.73
CA ALA A 76 7.14 -2.74 16.28
C ALA A 76 7.62 -1.75 17.34
N ALA A 77 6.66 -1.08 18.01
CA ALA A 77 7.00 -0.13 19.08
C ALA A 77 7.74 -0.81 20.22
N GLN A 78 7.62 -2.14 20.34
CA GLN A 78 8.19 -2.92 21.43
C GLN A 78 7.75 -2.37 22.78
N SER A 79 6.46 -2.09 22.89
CA SER A 79 5.88 -1.59 24.13
C SER A 79 5.48 -2.76 25.02
N GLY A 80 5.26 -2.44 26.29
CA GLY A 80 4.84 -3.40 27.29
C GLY A 80 3.63 -4.26 26.96
N PRO A 81 2.48 -3.63 26.69
CA PRO A 81 1.23 -4.39 26.49
C PRO A 81 1.19 -5.38 25.34
N VAL A 82 2.02 -5.28 24.30
CA VAL A 82 1.95 -6.21 23.17
C VAL A 82 3.25 -6.97 23.00
N LYS A 83 3.15 -8.30 23.03
CA LYS A 83 4.23 -9.26 22.89
C LYS A 83 4.06 -10.02 21.58
N GLU A 84 5.15 -10.65 21.13
CA GLU A 84 5.13 -11.43 19.89
C GLU A 84 4.08 -12.54 19.95
N GLU A 85 3.88 -13.12 21.14
CA GLU A 85 2.92 -14.20 21.29
C GLU A 85 1.50 -13.74 20.96
N HIS A 86 1.22 -12.44 21.07
CA HIS A 86 -0.14 -11.98 20.79
C HIS A 86 -0.37 -11.98 19.28
N LEU A 87 0.68 -11.72 18.51
CA LEU A 87 0.58 -11.74 17.07
C LEU A 87 0.48 -13.18 16.59
N LEU A 88 1.26 -14.07 17.21
CA LEU A 88 1.19 -15.46 16.81
C LEU A 88 -0.19 -16.03 17.14
N SER A 89 -0.74 -15.64 18.32
CA SER A 89 -2.07 -16.11 18.69
C SER A 89 -3.09 -15.60 17.69
N PHE A 90 -2.96 -14.33 17.30
CA PHE A 90 -3.90 -13.68 16.40
C PHE A 90 -3.97 -14.50 15.11
N ILE A 91 -2.82 -14.63 14.45
CA ILE A 91 -2.83 -15.30 13.14
C ILE A 91 -3.26 -16.74 13.31
N THR A 92 -2.81 -17.42 14.38
CA THR A 92 -3.29 -18.77 14.67
C THR A 92 -4.81 -18.84 14.67
N VAL A 93 -5.45 -17.83 15.26
CA VAL A 93 -6.92 -17.75 15.27
C VAL A 93 -7.44 -17.61 13.85
N LEU A 94 -6.72 -16.88 13.01
CA LEU A 94 -7.22 -16.70 11.65
C LEU A 94 -7.04 -17.97 10.83
N MET A 95 -5.95 -18.71 11.04
CA MET A 95 -5.81 -19.95 10.31
C MET A 95 -6.89 -20.90 10.77
N LEU A 96 -7.08 -21.04 12.09
CA LEU A 96 -8.09 -21.97 12.59
C LEU A 96 -9.43 -21.67 11.94
N VAL A 97 -9.78 -20.37 11.86
CA VAL A 97 -11.04 -19.96 11.23
C VAL A 97 -11.06 -20.45 9.78
N GLN A 98 -9.92 -20.35 9.10
CA GLN A 98 -9.90 -20.74 7.69
C GLN A 98 -10.14 -22.23 7.57
N LEU A 99 -9.29 -23.04 8.25
CA LEU A 99 -9.46 -24.49 8.30
C LEU A 99 -10.94 -24.85 8.51
N VAL A 100 -11.57 -24.25 9.52
CA VAL A 100 -12.96 -24.55 9.81
C VAL A 100 -13.84 -24.21 8.60
N TRP A 101 -13.56 -23.09 7.94
CA TRP A 101 -14.32 -22.73 6.74
C TRP A 101 -14.21 -23.83 5.70
N MET A 102 -12.99 -24.33 5.47
CA MET A 102 -12.79 -25.37 4.47
C MET A 102 -13.53 -26.64 4.87
N LEU A 103 -13.56 -26.95 6.17
CA LEU A 103 -14.29 -28.13 6.61
C LEU A 103 -15.77 -27.95 6.32
N CYS A 104 -16.31 -26.76 6.57
CA CYS A 104 -17.73 -26.53 6.32
C CYS A 104 -18.01 -26.64 4.84
N TYR A 105 -17.07 -26.16 4.01
CA TYR A 105 -17.25 -26.24 2.56
C TYR A 105 -17.31 -27.69 2.11
N MET A 106 -16.40 -28.53 2.64
CA MET A 106 -16.41 -29.94 2.29
C MET A 106 -17.69 -30.62 2.78
N ILE A 107 -18.23 -30.15 3.91
CA ILE A 107 -19.48 -30.71 4.40
C ILE A 107 -20.63 -30.34 3.47
N ARG A 108 -20.66 -29.08 3.02
CA ARG A 108 -21.72 -28.64 2.12
C ARG A 108 -21.71 -29.43 0.81
N ARG A 109 -20.52 -29.75 0.29
CA ARG A 109 -20.41 -30.48 -0.96
C ARG A 109 -20.61 -31.98 -0.68
N GLU A 110 -21.86 -32.31 -0.35
CA GLU A 110 -22.23 -33.67 0.01
C GLU A 110 -22.40 -34.52 -1.25
N GLY A 124 0.94 -23.10 -18.48
CA GLY A 124 0.92 -22.13 -17.41
C GLY A 124 0.49 -22.74 -16.08
N ALA A 125 -0.66 -23.41 -16.09
CA ALA A 125 -1.21 -23.98 -14.87
C ALA A 125 -0.26 -25.01 -14.26
N SER A 126 0.47 -25.76 -15.10
CA SER A 126 1.37 -26.77 -14.56
C SER A 126 2.54 -26.13 -13.84
N TRP A 127 3.05 -25.00 -14.36
CA TRP A 127 4.15 -24.34 -13.70
C TRP A 127 3.68 -23.79 -12.37
N ILE A 128 2.48 -23.20 -12.36
CA ILE A 128 1.96 -22.58 -11.15
C ILE A 128 1.78 -23.64 -10.06
N ARG A 129 1.15 -24.77 -10.41
CA ARG A 129 0.94 -25.82 -9.42
C ARG A 129 2.26 -26.43 -8.95
N GLY A 130 3.22 -26.62 -9.86
CA GLY A 130 4.50 -27.18 -9.43
C GLY A 130 5.21 -26.25 -8.47
N GLY A 131 5.22 -24.95 -8.78
CA GLY A 131 5.86 -24.00 -7.90
C GLY A 131 5.19 -23.98 -6.55
N LEU A 132 3.85 -24.02 -6.55
CA LEU A 132 3.10 -24.01 -5.30
C LEU A 132 3.44 -25.22 -4.45
N THR A 133 3.45 -26.40 -5.06
CA THR A 133 3.71 -27.61 -4.28
C THR A 133 5.14 -27.63 -3.75
N MET A 134 6.13 -27.24 -4.56
CA MET A 134 7.49 -27.28 -4.06
C MET A 134 7.71 -26.25 -2.95
N LEU A 135 7.08 -25.08 -3.09
CA LEU A 135 7.19 -24.07 -2.05
C LEU A 135 6.49 -24.56 -0.79
N ALA A 136 5.36 -25.25 -0.94
CA ALA A 136 4.66 -25.80 0.21
C ALA A 136 5.51 -26.83 0.92
N LEU A 137 6.23 -27.64 0.16
CA LEU A 137 7.09 -28.65 0.77
C LEU A 137 8.20 -27.99 1.57
N LEU A 138 8.72 -26.87 1.05
CA LEU A 138 9.77 -26.17 1.79
C LEU A 138 9.21 -25.46 3.01
N SER A 139 7.99 -24.91 2.89
CA SER A 139 7.38 -24.22 4.01
C SER A 139 6.90 -25.21 5.07
N LEU A 140 6.67 -26.47 4.68
CA LEU A 140 6.28 -27.49 5.64
C LEU A 140 7.51 -28.04 6.35
N ILE A 141 8.61 -28.24 5.63
CA ILE A 141 9.81 -28.71 6.33
C ILE A 141 10.27 -27.61 7.28
N MET A 142 10.02 -26.34 6.92
CA MET A 142 10.32 -25.22 7.82
C MET A 142 9.63 -25.43 9.16
N ASP A 143 8.43 -25.99 9.14
CA ASP A 143 7.70 -26.21 10.37
C ASP A 143 8.20 -27.46 11.04
N ALA A 144 8.62 -28.45 10.25
CA ALA A 144 9.18 -29.65 10.85
C ALA A 144 10.40 -29.27 11.70
N PHE A 145 11.18 -28.31 11.21
CA PHE A 145 12.34 -27.82 11.96
C PHE A 145 11.92 -27.04 13.19
N ARG A 146 10.93 -26.14 13.04
CA ARG A 146 10.47 -25.39 14.20
C ARG A 146 9.92 -26.31 15.29
N ILE A 147 9.05 -27.24 14.91
CA ILE A 147 8.51 -28.21 15.87
C ILE A 147 9.63 -29.01 16.51
N GLY A 148 10.63 -29.40 15.71
CA GLY A 148 11.76 -30.14 16.28
C GLY A 148 12.54 -29.35 17.31
N TYR A 149 12.67 -28.03 17.08
CA TYR A 149 13.40 -27.18 18.02
C TYR A 149 12.84 -27.30 19.44
N PHE A 150 11.52 -27.37 19.56
CA PHE A 150 10.87 -27.51 20.86
C PHE A 150 10.39 -28.94 21.07
N GLY A 162 6.12 -23.71 19.32
CA GLY A 162 5.02 -23.96 20.23
C GLY A 162 3.81 -24.56 19.55
N VAL A 163 2.77 -23.76 19.41
CA VAL A 163 1.53 -24.17 18.78
C VAL A 163 1.46 -23.72 17.32
N TYR A 164 1.85 -22.46 17.07
CA TYR A 164 1.83 -21.86 15.73
C TYR A 164 2.39 -22.75 14.61
N PRO A 165 3.57 -23.36 14.74
CA PRO A 165 4.08 -24.18 13.62
C PRO A 165 3.19 -25.35 13.26
N ILE A 166 2.32 -25.81 14.17
CA ILE A 166 1.47 -26.95 13.89
C ILE A 166 0.25 -26.51 13.10
N VAL A 167 -0.35 -25.40 13.54
CA VAL A 167 -1.49 -24.87 12.82
C VAL A 167 -1.03 -24.42 11.44
N HIS A 168 0.17 -23.84 11.37
CA HIS A 168 0.71 -23.43 10.08
C HIS A 168 0.90 -24.62 9.15
N ALA A 169 1.43 -25.74 9.68
CA ALA A 169 1.59 -26.94 8.87
C ALA A 169 0.23 -27.43 8.37
N LEU A 170 -0.79 -27.38 9.23
CA LEU A 170 -2.13 -27.83 8.82
C LEU A 170 -2.67 -26.91 7.76
N HIS A 171 -2.46 -25.60 7.93
CA HIS A 171 -2.89 -24.62 6.94
C HIS A 171 -2.25 -24.90 5.60
N THR A 172 -0.93 -25.10 5.60
CA THR A 172 -0.21 -25.34 4.35
C THR A 172 -0.78 -26.56 3.64
N ILE A 173 -1.01 -27.64 4.38
CA ILE A 173 -1.52 -28.87 3.77
C ILE A 173 -2.90 -28.63 3.21
N SER A 174 -3.73 -27.88 3.95
CA SER A 174 -5.07 -27.53 3.49
C SER A 174 -4.99 -26.77 2.18
N GLN A 175 -4.24 -25.65 2.18
CA GLN A 175 -4.16 -24.80 0.99
C GLN A 175 -3.76 -25.63 -0.21
N VAL A 176 -2.62 -26.34 -0.11
CA VAL A 176 -2.14 -27.19 -1.22
C VAL A 176 -3.28 -28.05 -1.76
N HIS A 177 -4.00 -28.74 -0.86
CA HIS A 177 -5.05 -29.64 -1.33
C HIS A 177 -6.18 -28.89 -2.02
N PHE A 178 -6.65 -27.80 -1.39
CA PHE A 178 -7.76 -27.04 -1.93
C PHE A 178 -7.40 -26.44 -3.29
N LEU A 179 -6.22 -25.84 -3.37
CA LEU A 179 -5.79 -25.21 -4.63
C LEU A 179 -5.59 -26.25 -5.71
N TRP A 180 -5.09 -27.43 -5.34
CA TRP A 180 -4.87 -28.49 -6.30
C TRP A 180 -6.18 -29.01 -6.89
N PHE A 181 -7.18 -29.28 -6.05
CA PHE A 181 -8.41 -29.93 -6.50
C PHE A 181 -9.64 -29.06 -6.68
N HIS A 182 -9.82 -27.96 -5.94
CA HIS A 182 -11.09 -27.21 -5.99
C HIS A 182 -11.05 -25.80 -6.55
N ILE A 183 -10.08 -24.95 -6.17
CA ILE A 183 -10.05 -23.54 -6.63
C ILE A 183 -10.24 -23.41 -8.14
N LYS A 184 -9.79 -24.41 -8.91
CA LYS A 184 -9.85 -24.35 -10.37
C LYS A 184 -11.29 -24.11 -10.86
N ASP A 185 -12.21 -25.05 -10.60
CA ASP A 185 -13.57 -24.93 -11.13
C ASP A 185 -14.65 -25.26 -10.10
N VAL A 186 -14.34 -25.97 -9.02
CA VAL A 186 -15.36 -26.37 -8.05
C VAL A 186 -16.02 -25.14 -7.46
N ILE A 187 -15.21 -24.11 -7.17
CA ILE A 187 -15.71 -22.89 -6.55
C ILE A 187 -16.56 -22.06 -7.49
N LYS A 188 -16.44 -22.27 -8.82
CA LYS A 188 -17.12 -21.49 -9.86
C LYS A 188 -18.59 -21.19 -9.51
N LYS A 189 -19.30 -22.19 -8.99
CA LYS A 189 -20.71 -22.05 -8.63
C LYS A 189 -20.73 -21.60 -7.17
N TYR A 190 -20.99 -20.32 -6.93
CA TYR A 190 -20.85 -19.77 -5.58
C TYR A 190 -21.82 -18.62 -5.33
N GLU A 191 -21.90 -18.26 -4.03
CA GLU A 191 -22.80 -17.24 -3.51
C GLU A 191 -22.04 -16.34 -2.53
N THR A 192 -22.43 -16.24 -1.25
CA THR A 192 -21.73 -15.36 -0.31
C THR A 192 -20.74 -16.10 0.60
N PHE A 193 -20.94 -17.40 0.79
CA PHE A 193 -20.04 -18.18 1.64
C PHE A 193 -18.63 -18.15 1.07
N GLU A 194 -18.52 -18.39 -0.23
CA GLU A 194 -17.23 -18.40 -0.91
C GLU A 194 -16.66 -16.99 -0.98
N ARG A 195 -17.50 -15.99 -1.22
CA ARG A 195 -17.00 -14.62 -1.29
C ARG A 195 -16.37 -14.21 0.03
N PHE A 196 -16.91 -14.65 1.17
CA PHE A 196 -16.23 -14.32 2.43
C PHE A 196 -15.00 -15.21 2.63
N GLY A 197 -15.09 -16.48 2.21
CA GLY A 197 -13.97 -17.40 2.38
C GLY A 197 -12.71 -16.98 1.64
N VAL A 198 -12.86 -16.61 0.37
CA VAL A 198 -11.70 -16.23 -0.44
C VAL A 198 -11.05 -14.98 0.14
N ILE A 199 -11.83 -13.97 0.49
CA ILE A 199 -11.26 -12.74 1.05
C ILE A 199 -10.50 -13.06 2.32
N HIS A 200 -11.09 -13.91 3.18
CA HIS A 200 -10.39 -14.32 4.39
C HIS A 200 -9.05 -14.97 4.04
N ALA A 201 -9.05 -15.89 3.08
CA ALA A 201 -7.81 -16.58 2.73
C ALA A 201 -6.77 -15.61 2.17
N VAL A 202 -7.22 -14.64 1.37
CA VAL A 202 -6.30 -13.67 0.76
C VAL A 202 -5.64 -12.83 1.84
N PHE A 203 -6.41 -12.40 2.84
CA PHE A 203 -5.85 -11.52 3.86
C PHE A 203 -5.20 -12.29 5.00
N THR A 204 -5.41 -13.60 5.07
CA THR A 204 -4.63 -14.42 6.00
C THR A 204 -3.24 -14.65 5.41
N ASN A 205 -3.18 -14.96 4.11
CA ASN A 205 -1.88 -15.20 3.49
C ASN A 205 -1.10 -13.88 3.37
N LEU A 206 -1.78 -12.83 2.89
CA LEU A 206 -1.12 -11.55 2.69
C LEU A 206 -0.73 -10.88 4.01
N LEU A 207 -1.10 -11.47 5.16
CA LEU A 207 -0.74 -11.01 6.49
C LEU A 207 0.28 -11.95 7.11
N LEU A 208 0.36 -13.18 6.60
CA LEU A 208 1.40 -14.09 7.04
C LEU A 208 2.67 -13.70 6.31
N TRP A 209 2.53 -13.03 5.16
CA TRP A 209 3.72 -12.54 4.49
C TRP A 209 4.28 -11.36 5.27
N CYS A 210 3.40 -10.56 5.89
CA CYS A 210 3.86 -9.47 6.74
C CYS A 210 4.64 -10.04 7.91
N ASN A 211 4.02 -10.96 8.67
CA ASN A 211 4.70 -11.59 9.81
C ASN A 211 6.02 -12.20 9.36
N GLY A 212 6.01 -12.88 8.20
CA GLY A 212 7.23 -13.50 7.71
C GLY A 212 8.34 -12.49 7.52
N VAL A 213 8.03 -11.41 6.78
CA VAL A 213 9.01 -10.37 6.48
C VAL A 213 9.58 -9.76 7.76
N MET A 214 8.73 -9.54 8.78
CA MET A 214 9.26 -8.91 9.99
C MET A 214 10.24 -9.85 10.69
N SER A 215 9.87 -11.12 10.83
CA SER A 215 10.67 -12.07 11.57
C SER A 215 11.82 -12.60 10.72
N VAL A 251 22.82 -28.16 18.72
CA VAL A 251 22.80 -28.11 17.27
C VAL A 251 22.17 -26.81 16.78
N CYS A 252 22.46 -25.72 17.50
CA CYS A 252 21.91 -24.41 17.14
C CYS A 252 22.31 -23.99 15.73
N SER A 253 23.52 -24.35 15.30
CA SER A 253 23.95 -23.97 13.96
C SER A 253 23.25 -24.80 12.90
N MET A 254 22.73 -25.97 13.25
CA MET A 254 22.00 -26.77 12.27
C MET A 254 20.65 -26.12 11.99
N PHE A 255 19.95 -25.73 13.06
CA PHE A 255 18.66 -25.10 12.89
C PHE A 255 18.84 -23.76 12.21
N SER A 256 19.84 -22.98 12.63
CA SER A 256 20.05 -21.67 12.02
C SER A 256 20.32 -21.80 10.53
N THR A 257 21.16 -22.77 10.14
CA THR A 257 21.49 -22.95 8.74
C THR A 257 20.25 -23.33 7.93
N SER A 258 19.46 -24.29 8.44
CA SER A 258 18.29 -24.72 7.68
C SER A 258 17.26 -23.60 7.60
N LEU A 259 17.06 -22.86 8.69
CA LEU A 259 16.06 -21.79 8.67
C LEU A 259 16.49 -20.69 7.71
N TYR A 260 17.80 -20.41 7.67
CA TYR A 260 18.32 -19.43 6.72
C TYR A 260 18.02 -19.85 5.29
N TYR A 261 18.36 -21.10 4.93
CA TYR A 261 18.18 -21.47 3.54
C TYR A 261 16.69 -21.57 3.17
N LEU A 262 15.83 -21.94 4.12
CA LEU A 262 14.40 -22.07 3.83
C LEU A 262 13.61 -20.76 3.93
N TYR A 263 14.20 -19.69 4.49
CA TYR A 263 13.45 -18.47 4.76
C TYR A 263 12.85 -17.84 3.50
N PRO A 264 13.61 -17.60 2.42
CA PRO A 264 13.01 -16.98 1.23
C PRO A 264 11.92 -17.82 0.60
N PHE A 265 11.90 -19.13 0.88
CA PHE A 265 10.93 -20.00 0.23
C PHE A 265 9.64 -20.01 1.01
N ASN A 266 9.70 -19.72 2.32
CA ASN A 266 8.49 -19.61 3.11
C ASN A 266 7.81 -18.30 2.79
N ILE A 267 8.60 -17.23 2.64
CA ILE A 267 7.99 -15.95 2.31
C ILE A 267 7.45 -16.02 0.88
N GLU A 268 8.22 -16.58 -0.05
CA GLU A 268 7.73 -16.69 -1.41
C GLU A 268 6.46 -17.54 -1.43
N TYR A 269 6.40 -18.61 -0.62
CA TYR A 269 5.20 -19.43 -0.54
C TYR A 269 3.99 -18.56 -0.25
N HIS A 270 4.14 -17.67 0.75
CA HIS A 270 3.01 -16.81 1.10
C HIS A 270 2.68 -15.86 -0.03
N ILE A 271 3.70 -15.39 -0.75
CA ILE A 271 3.46 -14.47 -1.87
C ILE A 271 2.68 -15.20 -2.96
N PHE A 272 3.13 -16.41 -3.28
CA PHE A 272 2.55 -17.20 -4.36
C PHE A 272 1.10 -17.53 -4.06
N VAL A 273 0.82 -17.97 -2.83
CA VAL A 273 -0.55 -18.30 -2.45
C VAL A 273 -1.41 -17.03 -2.49
N SER A 274 -0.90 -15.92 -1.96
CA SER A 274 -1.63 -14.65 -2.05
C SER A 274 -2.03 -14.39 -3.49
N ALA A 275 -1.03 -14.49 -4.39
CA ALA A 275 -1.25 -14.23 -5.81
C ALA A 275 -2.42 -15.06 -6.33
N MET A 276 -2.31 -16.39 -6.20
CA MET A 276 -3.33 -17.27 -6.76
C MET A 276 -4.71 -16.99 -6.18
N LEU A 277 -4.82 -16.84 -4.86
CA LEU A 277 -6.13 -16.63 -4.25
C LEU A 277 -6.80 -15.36 -4.79
N PHE A 278 -6.06 -14.26 -4.83
CA PHE A 278 -6.61 -13.00 -5.30
C PHE A 278 -7.06 -13.11 -6.76
N GLY A 307 23.47 -16.36 -29.27
CA GLY A 307 22.53 -16.24 -28.16
C GLY A 307 22.52 -17.46 -27.27
N PRO A 308 22.00 -18.59 -27.78
CA PRO A 308 21.91 -19.81 -26.96
C PRO A 308 23.20 -20.22 -26.28
N LEU A 309 24.35 -19.95 -26.90
CA LEU A 309 25.61 -20.33 -26.28
C LEU A 309 25.88 -19.48 -25.05
N GLY A 310 25.48 -18.21 -25.07
CA GLY A 310 25.71 -17.38 -23.91
C GLY A 310 24.83 -17.84 -22.77
N GLY A 311 23.61 -18.27 -23.11
CA GLY A 311 22.70 -18.79 -22.10
C GLY A 311 23.26 -20.03 -21.43
N LEU A 312 23.69 -20.99 -22.26
CA LEU A 312 24.22 -22.25 -21.74
C LEU A 312 25.48 -22.03 -20.91
N VAL A 313 26.32 -21.07 -21.30
CA VAL A 313 27.49 -20.76 -20.49
C VAL A 313 27.06 -20.12 -19.18
N ALA A 314 26.10 -19.18 -19.25
CA ALA A 314 25.62 -18.49 -18.06
C ALA A 314 25.06 -19.47 -17.03
N LEU A 315 24.43 -20.56 -17.50
CA LEU A 315 23.88 -21.54 -16.57
C LEU A 315 24.97 -22.19 -15.73
N ALA A 316 26.14 -22.40 -16.32
CA ALA A 316 27.26 -22.98 -15.58
C ALA A 316 27.94 -21.91 -14.74
N SER A 317 27.97 -20.68 -15.25
CA SER A 317 28.63 -19.59 -14.56
C SER A 317 27.90 -19.29 -13.25
N SER A 318 26.57 -19.39 -13.25
CA SER A 318 25.82 -19.11 -12.03
C SER A 318 26.29 -20.01 -10.89
N VAL A 319 26.45 -21.30 -11.18
CA VAL A 319 26.93 -22.24 -10.17
C VAL A 319 28.37 -21.93 -9.80
N SER A 320 29.20 -21.61 -10.79
CA SER A 320 30.60 -21.28 -10.50
C SER A 320 30.68 -20.08 -9.55
N VAL A 321 29.87 -19.05 -9.80
CA VAL A 321 29.86 -17.85 -8.97
C VAL A 321 29.40 -18.21 -7.55
N LEU A 322 28.36 -19.03 -7.45
CA LEU A 322 27.86 -19.48 -6.15
C LEU A 322 28.95 -20.20 -5.36
N VAL A 323 29.64 -21.14 -6.01
CA VAL A 323 30.67 -21.91 -5.32
C VAL A 323 31.83 -21.02 -4.89
N VAL A 324 32.31 -20.15 -5.78
CA VAL A 324 33.45 -19.34 -5.37
C VAL A 324 33.05 -18.35 -4.29
N TYR A 325 31.83 -17.82 -4.33
CA TYR A 325 31.35 -16.96 -3.25
C TYR A 325 31.39 -17.69 -1.93
N LEU A 326 30.84 -18.92 -1.89
CA LEU A 326 30.87 -19.72 -0.68
C LEU A 326 32.25 -20.27 -0.36
N ILE A 327 33.13 -20.40 -1.35
CA ILE A 327 34.48 -20.90 -1.15
C ILE A 327 35.43 -19.99 -1.90
N VAL A 340 32.35 -11.57 -3.13
CA VAL A 340 31.41 -10.47 -3.02
C VAL A 340 31.45 -9.68 -4.32
N SER A 341 32.63 -9.15 -4.65
CA SER A 341 32.76 -8.31 -5.84
C SER A 341 32.44 -9.07 -7.12
N MET A 342 32.65 -10.39 -7.12
CA MET A 342 32.29 -11.18 -8.30
C MET A 342 30.80 -11.16 -8.53
N PHE A 343 30.01 -11.08 -7.46
CA PHE A 343 28.56 -11.05 -7.60
C PHE A 343 28.14 -9.78 -8.33
N TYR A 344 28.70 -8.64 -7.90
CA TYR A 344 28.32 -7.36 -8.50
C TYR A 344 28.82 -7.25 -9.93
N TYR A 345 30.02 -7.79 -10.22
CA TYR A 345 30.51 -7.69 -11.58
C TYR A 345 29.71 -8.60 -12.50
N TYR A 346 29.35 -9.79 -12.02
CA TYR A 346 28.55 -10.72 -12.80
C TYR A 346 27.19 -10.10 -13.08
N GLY A 347 26.56 -9.55 -12.03
CA GLY A 347 25.25 -8.96 -12.20
C GLY A 347 25.24 -7.79 -13.16
N VAL A 348 26.27 -6.93 -13.11
CA VAL A 348 26.31 -5.80 -14.03
C VAL A 348 26.46 -6.30 -15.46
N ALA A 349 27.38 -7.26 -15.68
CA ALA A 349 27.58 -7.76 -17.04
C ALA A 349 26.32 -8.45 -17.56
N MET A 350 25.63 -9.18 -16.68
CA MET A 350 24.46 -9.93 -17.08
C MET A 350 23.30 -8.99 -17.37
N MET A 351 23.12 -7.97 -16.54
CA MET A 351 22.01 -7.08 -16.76
C MET A 351 22.24 -6.24 -18.00
N ALA A 352 23.49 -5.86 -18.29
CA ALA A 352 23.73 -5.10 -19.53
C ALA A 352 23.41 -5.96 -20.74
N CYS A 353 23.80 -7.24 -20.69
CA CYS A 353 23.50 -8.12 -21.83
C CYS A 353 22.00 -8.33 -21.98
N MET A 354 21.29 -8.49 -20.86
CA MET A 354 19.84 -8.65 -20.93
C MET A 354 19.18 -7.40 -21.52
N CYS A 355 19.64 -6.22 -21.11
CA CYS A 355 19.07 -4.99 -21.64
C CYS A 355 19.27 -4.91 -23.14
N VAL A 356 20.45 -5.31 -23.62
CA VAL A 356 20.72 -5.25 -25.06
C VAL A 356 19.81 -6.24 -25.79
N GLY A 357 19.70 -7.46 -25.26
CA GLY A 357 18.85 -8.46 -25.91
C GLY A 357 17.40 -8.03 -26.00
N SER A 358 16.84 -7.59 -24.87
CA SER A 358 15.43 -7.19 -24.86
C SER A 358 15.21 -5.97 -25.73
N GLY A 359 16.13 -4.99 -25.70
CA GLY A 359 15.97 -3.82 -26.54
C GLY A 359 15.98 -4.20 -28.00
N THR A 360 16.87 -5.13 -28.37
CA THR A 360 16.95 -5.57 -29.75
C THR A 360 15.62 -6.20 -30.15
N GLY A 361 15.07 -7.05 -29.28
CA GLY A 361 13.80 -7.68 -29.58
C GLY A 361 12.69 -6.65 -29.78
N LEU A 362 12.67 -5.61 -28.95
CA LEU A 362 11.66 -4.57 -29.11
C LEU A 362 11.85 -3.83 -30.43
N LEU A 363 13.10 -3.61 -30.82
CA LEU A 363 13.37 -2.93 -32.09
C LEU A 363 12.91 -3.78 -33.27
N VAL A 364 13.05 -5.10 -33.19
CA VAL A 364 12.58 -5.96 -34.27
C VAL A 364 11.07 -5.82 -34.43
N TYR A 365 10.34 -5.70 -33.33
CA TYR A 365 8.91 -5.50 -33.39
C TYR A 365 8.60 -4.11 -33.94
N THR A 381 -4.38 -9.62 -19.52
CA THR A 381 -3.83 -8.49 -18.79
C THR A 381 -3.33 -8.88 -17.39
N LEU A 382 -3.54 -10.13 -16.99
CA LEU A 382 -3.11 -10.57 -15.67
C LEU A 382 -1.60 -10.78 -15.60
N ASP A 383 -0.98 -11.15 -16.73
CA ASP A 383 0.45 -11.39 -16.73
C ASP A 383 1.21 -10.08 -16.55
N THR A 384 0.75 -9.01 -17.19
CA THR A 384 1.43 -7.73 -17.08
C THR A 384 1.36 -7.24 -15.64
N GLU A 385 0.19 -7.36 -15.02
CA GLU A 385 0.02 -6.88 -13.65
C GLU A 385 0.86 -7.69 -12.68
N LEU A 386 0.93 -9.02 -12.88
CA LEU A 386 1.77 -9.82 -11.99
C LEU A 386 3.23 -9.47 -12.16
N LEU A 387 3.67 -9.22 -13.40
CA LEU A 387 5.06 -8.84 -13.62
C LEU A 387 5.38 -7.52 -12.93
N LEU A 388 4.47 -6.55 -13.01
CA LEU A 388 4.74 -5.27 -12.35
C LEU A 388 4.73 -5.41 -10.84
N ALA A 389 3.76 -6.18 -10.32
CA ALA A 389 3.62 -6.34 -8.89
C ALA A 389 4.87 -6.98 -8.31
N SER A 390 5.47 -7.91 -9.05
CA SER A 390 6.66 -8.57 -8.53
C SER A 390 7.91 -7.73 -8.79
N SER A 391 7.87 -6.91 -9.85
CA SER A 391 9.01 -6.05 -10.18
C SER A 391 9.23 -4.99 -9.10
N LEU A 392 8.16 -4.58 -8.42
CA LEU A 392 8.31 -3.52 -7.42
C LEU A 392 9.29 -3.88 -6.31
N GLY A 393 9.49 -5.17 -6.01
CA GLY A 393 10.43 -5.52 -4.97
C GLY A 393 11.84 -5.11 -5.33
N SER A 394 12.24 -5.43 -6.56
CA SER A 394 13.59 -5.11 -6.99
C SER A 394 13.71 -3.62 -7.23
N TRP A 395 12.63 -2.98 -7.66
CA TRP A 395 12.70 -1.54 -7.88
C TRP A 395 12.94 -0.81 -6.57
N LEU A 396 12.21 -1.19 -5.51
CA LEU A 396 12.46 -0.59 -4.20
C LEU A 396 13.90 -0.83 -3.76
N MET A 397 14.38 -2.07 -3.87
CA MET A 397 15.74 -2.39 -3.42
C MET A 397 16.76 -1.55 -4.20
N SER A 398 16.55 -1.44 -5.51
CA SER A 398 17.45 -0.67 -6.35
C SER A 398 17.43 0.81 -5.99
N TRP A 399 16.24 1.39 -5.77
CA TRP A 399 16.24 2.82 -5.45
C TRP A 399 16.85 3.07 -4.08
N CYS A 400 16.77 2.10 -3.16
CA CYS A 400 17.46 2.28 -1.89
C CYS A 400 18.96 2.32 -2.11
N SER A 401 19.47 1.43 -2.95
CA SER A 401 20.90 1.44 -3.23
C SER A 401 21.31 2.71 -3.96
N VAL A 402 20.48 3.19 -4.89
CA VAL A 402 20.79 4.40 -5.65
C VAL A 402 20.84 5.62 -4.74
N VAL A 403 19.86 5.77 -3.85
CA VAL A 403 19.84 6.91 -2.95
C VAL A 403 21.05 6.89 -2.02
N ALA A 404 21.34 5.72 -1.43
CA ALA A 404 22.50 5.67 -0.54
C ALA A 404 23.79 5.92 -1.29
N SER A 405 23.90 5.39 -2.51
CA SER A 405 25.12 5.56 -3.30
C SER A 405 25.33 7.02 -3.68
N VAL A 406 24.27 7.71 -4.11
CA VAL A 406 24.41 9.12 -4.47
C VAL A 406 24.70 9.96 -3.24
N ALA A 407 24.00 9.70 -2.13
CA ALA A 407 24.23 10.48 -0.92
C ALA A 407 25.67 10.33 -0.44
N GLU A 408 26.24 9.12 -0.56
CA GLU A 408 27.63 8.96 -0.17
C GLU A 408 28.55 9.60 -1.19
N ALA A 409 28.21 9.47 -2.48
CA ALA A 409 28.98 10.09 -3.56
C ALA A 409 29.10 11.59 -3.39
N GLY A 410 28.15 12.22 -2.69
CA GLY A 410 28.26 13.65 -2.45
C GLY A 410 29.52 13.99 -1.69
N GLN A 411 29.88 13.18 -0.70
CA GLN A 411 31.10 13.35 0.07
C GLN A 411 32.24 12.57 -0.60
N LYS A 412 33.46 12.82 -0.13
CA LYS A 412 34.62 12.10 -0.63
C LYS A 412 34.58 10.67 -0.14
N SER A 413 34.27 9.72 -1.03
CA SER A 413 34.17 8.32 -0.63
C SER A 413 34.33 7.39 -1.83
N PRO A 414 35.21 6.39 -1.80
CA PRO A 414 35.30 5.44 -2.92
C PRO A 414 34.34 4.24 -2.80
N SER A 415 33.43 4.28 -1.83
CA SER A 415 32.50 3.17 -1.59
C SER A 415 31.75 2.76 -2.84
N PHE A 416 31.05 3.71 -3.48
CA PHE A 416 30.19 3.36 -4.61
C PHE A 416 31.01 2.76 -5.75
N SER A 417 32.14 3.39 -6.11
CA SER A 417 32.98 2.91 -7.22
C SER A 417 32.19 2.68 -8.52
N TRP A 418 31.11 3.44 -8.71
CA TRP A 418 30.22 3.34 -9.88
C TRP A 418 29.92 1.90 -10.31
N THR A 419 29.82 1.00 -9.32
CA THR A 419 29.49 -0.39 -9.54
C THR A 419 28.16 -0.77 -8.88
N SER A 420 27.83 -0.17 -7.73
CA SER A 420 26.53 -0.41 -7.13
C SER A 420 25.46 0.49 -7.74
N LEU A 421 25.87 1.69 -8.21
CA LEU A 421 24.92 2.59 -8.85
C LEU A 421 24.56 2.08 -10.24
N THR A 422 25.56 1.64 -11.01
CA THR A 422 25.28 1.14 -12.34
C THR A 422 24.46 -0.14 -12.22
N TYR A 423 24.83 -1.01 -11.27
CA TYR A 423 24.09 -2.25 -11.06
C TYR A 423 22.61 -1.94 -10.78
N SER A 424 22.35 -1.02 -9.85
CA SER A 424 20.97 -0.72 -9.49
C SER A 424 20.19 -0.10 -10.65
N LEU A 425 20.83 0.81 -11.39
CA LEU A 425 20.14 1.45 -12.51
C LEU A 425 19.92 0.45 -13.65
N LEU A 426 20.89 -0.44 -13.87
CA LEU A 426 20.70 -1.47 -14.89
C LEU A 426 19.59 -2.42 -14.49
N LEU A 427 19.47 -2.74 -13.20
CA LEU A 427 18.39 -3.64 -12.79
C LEU A 427 17.04 -3.01 -13.11
N VAL A 428 16.93 -1.70 -12.85
CA VAL A 428 15.67 -1.01 -13.14
C VAL A 428 15.41 -1.00 -14.64
N LEU A 429 16.44 -0.71 -15.43
CA LEU A 429 16.27 -0.65 -16.88
C LEU A 429 15.94 -2.03 -17.43
N GLU A 430 16.65 -3.07 -16.96
CA GLU A 430 16.43 -4.44 -17.42
C GLU A 430 14.99 -4.84 -17.21
N LYS A 431 14.46 -4.57 -16.01
CA LYS A 431 13.09 -4.94 -15.74
C LYS A 431 12.11 -4.12 -16.58
N CYS A 432 12.40 -2.82 -16.74
CA CYS A 432 11.50 -1.96 -17.49
C CYS A 432 11.48 -2.31 -18.97
N ILE A 433 12.55 -2.89 -19.50
CA ILE A 433 12.56 -3.27 -20.91
C ILE A 433 11.98 -4.67 -21.08
N GLN A 434 12.38 -5.60 -20.20
CA GLN A 434 11.88 -6.97 -20.32
C GLN A 434 10.38 -7.04 -20.17
N ASN A 435 9.80 -6.21 -19.28
CA ASN A 435 8.34 -6.26 -19.12
C ASN A 435 7.65 -5.89 -20.42
N LEU A 436 8.22 -4.96 -21.19
CA LEU A 436 7.61 -4.58 -22.46
C LEU A 436 7.85 -5.65 -23.50
N PHE A 437 9.06 -6.23 -23.52
CA PHE A 437 9.34 -7.28 -24.50
C PHE A 437 8.36 -8.44 -24.32
N ILE A 438 8.17 -8.88 -23.08
CA ILE A 438 7.27 -10.00 -22.80
C ILE A 438 5.84 -9.64 -23.17
N VAL A 439 5.38 -8.44 -22.77
CA VAL A 439 4.00 -8.07 -23.06
C VAL A 439 3.76 -7.95 -24.56
N GLU A 440 4.71 -7.38 -25.30
CA GLU A 440 4.55 -7.28 -26.76
C GLU A 440 4.58 -8.67 -27.41
N SER A 441 5.42 -9.57 -26.91
CA SER A 441 5.50 -10.90 -27.49
C SER A 441 4.17 -11.65 -27.34
N LEU A 442 3.50 -11.48 -26.20
CA LEU A 442 2.21 -12.10 -25.98
C LEU A 442 1.10 -11.31 -26.67
N GLY A 512 10.21 -12.64 -42.30
CA GLY A 512 10.38 -14.05 -42.00
C GLY A 512 11.75 -14.38 -41.45
N ARG A 513 12.78 -13.75 -42.03
CA ARG A 513 14.14 -13.97 -41.56
C ARG A 513 14.38 -13.48 -40.14
N LYS A 514 13.55 -12.55 -39.66
CA LYS A 514 13.70 -12.03 -38.31
C LYS A 514 13.20 -12.98 -37.23
N ARG A 515 12.43 -14.00 -37.59
CA ARG A 515 11.90 -14.89 -36.55
C ARG A 515 13.02 -15.62 -35.85
N GLN A 516 14.09 -15.95 -36.57
CA GLN A 516 15.18 -16.69 -35.95
C GLN A 516 15.87 -15.84 -34.91
N ILE A 517 16.02 -14.53 -35.15
CA ILE A 517 16.69 -13.74 -34.13
C ILE A 517 15.78 -13.61 -32.93
N LEU A 518 14.47 -13.50 -33.18
CA LEU A 518 13.54 -13.43 -32.06
C LEU A 518 13.60 -14.72 -31.27
N LYS A 519 13.77 -15.85 -31.96
CA LYS A 519 13.91 -17.11 -31.23
C LYS A 519 15.18 -17.10 -30.42
N ASN A 520 16.27 -16.58 -30.99
CA ASN A 520 17.51 -16.55 -30.25
C ASN A 520 17.38 -15.62 -29.08
N ILE A 521 16.59 -14.54 -29.23
CA ILE A 521 16.38 -13.62 -28.14
C ILE A 521 15.62 -14.35 -27.03
N CYS A 522 14.57 -15.07 -27.38
CA CYS A 522 13.84 -15.76 -26.32
C CYS A 522 14.74 -16.79 -25.62
N MET A 523 15.65 -17.40 -26.38
CA MET A 523 16.47 -18.45 -25.77
C MET A 523 17.47 -17.81 -24.83
N PHE A 524 18.25 -16.88 -25.37
CA PHE A 524 19.28 -16.23 -24.58
C PHE A 524 18.65 -15.57 -23.36
N LEU A 525 17.38 -15.14 -23.45
CA LEU A 525 16.84 -14.45 -22.29
C LEU A 525 16.46 -15.41 -21.17
N PHE A 526 15.79 -16.54 -21.46
CA PHE A 526 15.36 -17.30 -20.29
C PHE A 526 16.49 -18.13 -19.72
N MET A 527 17.50 -18.44 -20.53
CA MET A 527 18.67 -19.14 -20.02
C MET A 527 19.53 -18.19 -19.21
N CYS A 528 19.21 -16.90 -19.22
CA CYS A 528 19.86 -15.90 -18.40
C CYS A 528 19.02 -15.63 -17.16
N ASN A 529 17.69 -15.55 -17.35
CA ASN A 529 16.76 -15.40 -16.22
C ASN A 529 17.00 -16.46 -15.15
N ILE A 530 17.18 -17.71 -15.59
CA ILE A 530 17.45 -18.82 -14.68
C ILE A 530 18.70 -18.54 -13.85
N SER A 531 19.76 -18.02 -14.48
CA SER A 531 21.00 -17.78 -13.75
C SER A 531 20.79 -16.80 -12.61
N LEU A 532 19.97 -15.76 -12.83
CA LEU A 532 19.79 -14.75 -11.81
C LEU A 532 18.76 -15.20 -10.78
N TRP A 533 18.16 -16.37 -10.98
CA TRP A 533 17.15 -16.92 -10.10
C TRP A 533 17.76 -18.02 -9.26
N ILE A 534 18.75 -18.71 -9.81
CA ILE A 534 19.52 -19.69 -9.06
C ILE A 534 20.42 -18.98 -8.06
N LEU A 535 21.11 -17.90 -8.50
CA LEU A 535 22.02 -17.20 -7.60
C LEU A 535 21.41 -16.83 -6.24
N PRO A 536 20.31 -16.07 -6.17
CA PRO A 536 19.72 -15.83 -4.84
C PRO A 536 19.05 -17.04 -4.23
N ALA A 537 18.57 -17.98 -5.04
CA ALA A 537 17.89 -19.15 -4.51
C ALA A 537 18.80 -20.03 -3.67
N PHE A 538 20.09 -20.11 -4.00
CA PHE A 538 21.01 -21.00 -3.30
C PHE A 538 21.87 -20.30 -2.26
N GLY A 539 21.48 -19.09 -1.84
CA GLY A 539 22.13 -18.42 -0.73
C GLY A 539 23.42 -17.65 -0.97
N CYS A 540 23.70 -17.18 -2.19
CA CYS A 540 24.92 -16.43 -2.43
C CYS A 540 24.73 -14.93 -2.18
N ARG A 541 23.52 -14.53 -1.78
CA ARG A 541 23.06 -13.14 -1.64
C ARG A 541 23.99 -12.31 -0.74
N PRO A 542 24.80 -11.42 -1.28
CA PRO A 542 25.71 -10.63 -0.43
C PRO A 542 25.11 -9.33 0.09
N GLN A 543 23.85 -9.03 -0.24
CA GLN A 543 23.31 -7.70 0.05
C GLN A 543 23.18 -7.45 1.55
N TYR A 544 23.03 -8.51 2.35
CA TYR A 544 22.84 -8.33 3.78
C TYR A 544 24.11 -7.83 4.46
N ASP A 545 25.27 -7.99 3.83
CA ASP A 545 26.56 -7.62 4.39
C ASP A 545 26.99 -6.21 3.97
N ASN A 546 26.14 -5.46 3.28
CA ASN A 546 26.52 -4.13 2.80
C ASN A 546 26.59 -3.14 3.96
N PRO A 547 27.75 -2.57 4.28
CA PRO A 547 27.80 -1.58 5.37
C PRO A 547 27.25 -0.22 4.99
N LEU A 548 27.21 0.11 3.69
CA LEU A 548 26.77 1.43 3.27
C LEU A 548 25.27 1.63 3.49
N GLU A 549 24.45 0.72 2.96
CA GLU A 549 23.00 0.94 3.06
C GLU A 549 22.44 0.49 4.39
N ASN A 550 23.28 0.04 5.33
CA ASN A 550 22.83 -0.27 6.67
C ASN A 550 23.05 0.94 7.56
N GLU A 551 24.18 1.62 7.36
CA GLU A 551 24.39 2.88 8.04
C GLU A 551 23.44 3.93 7.50
N THR A 552 23.18 3.90 6.18
CA THR A 552 22.32 4.89 5.57
C THR A 552 20.84 4.66 5.93
N PHE A 553 20.36 3.41 5.91
CA PHE A 553 18.94 3.16 6.18
C PHE A 553 18.65 2.57 7.55
N GLY A 554 19.63 1.99 8.22
CA GLY A 554 19.41 1.29 9.47
C GLY A 554 19.42 -0.21 9.25
N THR A 555 19.94 -0.95 10.24
CA THR A 555 20.07 -2.38 10.05
C THR A 555 18.70 -3.05 9.84
N SER A 556 17.72 -2.70 10.68
CA SER A 556 16.42 -3.36 10.58
C SER A 556 15.64 -2.93 9.35
N VAL A 557 15.86 -1.70 8.88
CA VAL A 557 15.12 -1.23 7.70
C VAL A 557 15.73 -1.82 6.44
N TRP A 558 17.05 -1.78 6.31
CA TRP A 558 17.67 -2.33 5.12
C TRP A 558 17.41 -3.84 5.06
N THR A 559 17.53 -4.50 6.22
CA THR A 559 17.27 -5.93 6.27
C THR A 559 15.85 -6.23 5.82
N THR A 560 14.86 -5.46 6.31
CA THR A 560 13.48 -5.70 5.90
C THR A 560 13.30 -5.48 4.41
N VAL A 561 13.91 -4.42 3.86
CA VAL A 561 13.78 -4.16 2.43
C VAL A 561 14.32 -5.32 1.62
N LEU A 562 15.48 -5.85 2.02
CA LEU A 562 16.00 -7.01 1.31
C LEU A 562 15.08 -8.22 1.49
N ASN A 563 14.51 -8.37 2.68
CA ASN A 563 13.61 -9.49 2.95
C ASN A 563 12.35 -9.43 2.11
N VAL A 564 11.97 -8.22 1.68
CA VAL A 564 10.83 -8.08 0.77
C VAL A 564 11.27 -8.33 -0.67
N ALA A 565 12.34 -7.67 -1.11
CA ALA A 565 12.76 -7.73 -2.51
C ALA A 565 13.21 -9.12 -2.94
N ILE A 566 13.92 -9.84 -2.09
CA ILE A 566 14.50 -11.14 -2.45
C ILE A 566 13.45 -12.22 -2.74
N PRO A 567 12.53 -12.54 -1.82
CA PRO A 567 11.53 -13.57 -2.13
C PRO A 567 10.55 -13.18 -3.22
N LEU A 568 10.35 -11.89 -3.47
CA LEU A 568 9.48 -11.51 -4.56
C LEU A 568 10.22 -11.62 -5.89
N ASN A 569 11.51 -11.26 -5.87
CA ASN A 569 12.34 -11.38 -7.06
C ASN A 569 12.45 -12.84 -7.49
N LEU A 570 12.44 -13.77 -6.51
CA LEU A 570 12.50 -15.18 -6.85
C LEU A 570 11.22 -15.65 -7.54
N PHE A 571 10.13 -14.91 -7.38
CA PHE A 571 8.87 -15.24 -8.04
C PHE A 571 8.86 -14.62 -9.43
N TYR A 572 9.30 -13.35 -9.50
CA TYR A 572 9.34 -12.65 -10.78
C TYR A 572 10.16 -13.44 -11.78
N ARG A 573 11.35 -13.88 -11.38
CA ARG A 573 12.22 -14.53 -12.37
C ARG A 573 11.59 -15.82 -12.89
N MET A 574 10.91 -16.59 -12.04
CA MET A 574 10.27 -17.81 -12.53
C MET A 574 9.15 -17.45 -13.48
N HIS A 575 8.39 -16.39 -13.16
CA HIS A 575 7.31 -15.96 -14.03
C HIS A 575 7.86 -15.57 -15.39
N SER A 576 8.98 -14.84 -15.38
CA SER A 576 9.61 -14.40 -16.61
C SER A 576 10.06 -15.59 -17.45
N VAL A 577 10.65 -16.60 -16.80
CA VAL A 577 11.12 -17.78 -17.53
C VAL A 577 9.93 -18.52 -18.15
N ALA A 578 8.87 -18.71 -17.37
CA ALA A 578 7.72 -19.44 -17.91
C ALA A 578 7.08 -18.68 -19.07
N SER A 579 6.99 -17.35 -18.95
CA SER A 579 6.38 -16.56 -20.00
C SER A 579 7.23 -16.58 -21.26
N LEU A 580 8.55 -16.40 -21.13
CA LEU A 580 9.41 -16.43 -22.30
C LEU A 580 9.41 -17.81 -22.94
N PHE A 581 9.35 -18.86 -22.13
CA PHE A 581 9.27 -20.22 -22.67
C PHE A 581 8.01 -20.37 -23.51
N GLU A 582 6.87 -19.94 -22.97
CA GLU A 582 5.62 -20.06 -23.73
C GLU A 582 5.67 -19.22 -25.00
N VAL A 583 6.33 -18.05 -24.95
CA VAL A 583 6.53 -17.27 -26.17
C VAL A 583 7.32 -18.07 -27.19
N PHE A 584 8.36 -18.76 -26.74
CA PHE A 584 9.20 -19.58 -27.62
C PHE A 584 8.48 -20.87 -28.00
N TYR B 48 2.83 3.77 -33.58
CA TYR B 48 3.33 3.32 -32.29
C TYR B 48 2.17 2.72 -31.48
N PRO B 49 2.33 1.53 -30.89
CA PRO B 49 1.23 0.96 -30.12
C PRO B 49 1.05 1.73 -28.82
N GLN B 50 -0.19 2.10 -28.52
CA GLN B 50 -0.45 2.96 -27.37
C GLN B 50 -0.54 2.20 -26.05
N LYS B 51 -0.81 0.88 -26.09
CA LYS B 51 -0.84 0.12 -24.85
C LYS B 51 0.48 0.23 -24.10
N ASN B 52 1.60 0.29 -24.85
CA ASN B 52 2.90 0.32 -24.21
C ASN B 52 3.07 1.60 -23.40
N ALA B 53 2.37 2.66 -23.81
CA ALA B 53 2.47 3.92 -23.09
C ALA B 53 1.82 3.77 -21.73
N GLU B 54 0.74 3.00 -21.67
CA GLU B 54 0.12 2.79 -20.38
C GLU B 54 1.04 1.99 -19.48
N LEU B 55 1.69 0.97 -20.04
CA LEU B 55 2.61 0.18 -19.21
C LEU B 55 3.89 0.93 -18.86
N LEU B 56 4.51 1.60 -19.84
CA LEU B 56 5.77 2.27 -19.56
C LEU B 56 5.56 3.44 -18.63
N SER B 57 4.48 4.20 -18.84
CA SER B 57 4.18 5.30 -17.95
C SER B 57 3.90 4.77 -16.56
N ALA B 58 3.17 3.65 -16.48
CA ALA B 58 2.89 3.06 -15.17
C ALA B 58 4.19 2.69 -14.48
N GLN B 59 5.16 2.16 -15.23
CA GLN B 59 6.42 1.80 -14.59
C GLN B 59 7.12 3.05 -14.11
N TYR B 60 7.06 4.11 -14.92
CA TYR B 60 7.64 5.38 -14.53
C TYR B 60 7.00 5.86 -13.25
N GLY B 61 5.67 5.80 -13.21
CA GLY B 61 4.97 6.27 -12.04
C GLY B 61 5.36 5.52 -10.79
N THR B 62 5.51 4.20 -10.90
CA THR B 62 5.83 3.51 -9.65
C THR B 62 7.28 3.72 -9.28
N ASN B 63 8.14 3.94 -10.28
CA ASN B 63 9.52 4.24 -9.92
C ASN B 63 9.59 5.61 -9.30
N LEU B 64 8.70 6.49 -9.74
CA LEU B 64 8.67 7.83 -9.18
C LEU B 64 8.28 7.75 -7.72
N LEU B 65 7.29 6.91 -7.42
CA LEU B 65 6.89 6.74 -6.03
C LEU B 65 8.01 6.07 -5.23
N LEU B 66 8.63 5.03 -5.80
CA LEU B 66 9.63 4.28 -5.04
C LEU B 66 10.88 5.09 -4.75
N LEU B 67 11.27 5.99 -5.64
CA LEU B 67 12.40 6.86 -5.33
C LEU B 67 12.08 7.72 -4.13
N GLY B 68 10.83 8.21 -4.07
CA GLY B 68 10.43 9.00 -2.93
C GLY B 68 10.58 8.19 -1.66
N VAL B 69 10.09 6.95 -1.70
CA VAL B 69 10.12 6.10 -0.52
C VAL B 69 11.55 5.95 -0.05
N SER B 70 12.46 5.73 -1.00
CA SER B 70 13.86 5.56 -0.62
C SER B 70 14.39 6.80 0.08
N VAL B 71 14.13 7.97 -0.47
CA VAL B 71 14.62 9.18 0.18
C VAL B 71 13.89 9.39 1.50
N MET B 72 12.61 9.03 1.57
CA MET B 72 11.95 9.15 2.86
C MET B 72 12.51 8.16 3.87
N LEU B 73 12.81 6.92 3.44
CA LEU B 73 13.33 5.95 4.39
C LEU B 73 14.65 6.40 4.97
N ALA B 74 15.51 6.97 4.10
CA ALA B 74 16.83 7.41 4.53
C ALA B 74 16.71 8.61 5.45
N LEU B 75 15.54 9.26 5.46
CA LEU B 75 15.27 10.42 6.27
C LEU B 75 14.68 9.97 7.60
N ALA B 76 13.73 9.02 7.55
CA ALA B 76 13.18 8.49 8.80
C ALA B 76 14.29 7.96 9.69
N ALA B 77 15.28 7.30 9.10
CA ALA B 77 16.41 6.77 9.85
C ALA B 77 17.20 7.87 10.55
N GLN B 78 17.05 9.12 10.11
CA GLN B 78 17.78 10.28 10.63
C GLN B 78 19.28 10.02 10.60
N SER B 79 19.74 9.51 9.46
CA SER B 79 21.16 9.26 9.26
C SER B 79 21.85 10.50 8.72
N GLY B 80 23.17 10.50 8.82
CA GLY B 80 24.01 11.57 8.32
C GLY B 80 23.78 12.02 6.89
N PRO B 81 23.94 11.10 5.93
CA PRO B 81 23.87 11.49 4.51
C PRO B 81 22.58 12.11 4.00
N VAL B 82 21.42 11.92 4.64
CA VAL B 82 20.16 12.47 4.12
C VAL B 82 19.53 13.42 5.13
N LYS B 83 19.29 14.64 4.67
CA LYS B 83 18.70 15.75 5.41
C LYS B 83 17.33 16.08 4.82
N GLU B 84 16.52 16.78 5.62
CA GLU B 84 15.18 17.16 5.17
C GLU B 84 15.25 18.00 3.89
N GLU B 85 16.28 18.82 3.75
CA GLU B 85 16.42 19.66 2.57
C GLU B 85 16.53 18.84 1.30
N HIS B 86 16.99 17.58 1.39
CA HIS B 86 17.13 16.78 0.19
C HIS B 86 15.76 16.33 -0.29
N LEU B 87 14.84 16.12 0.65
CA LEU B 87 13.48 15.72 0.30
C LEU B 87 12.74 16.92 -0.26
N LEU B 88 12.96 18.09 0.35
CA LEU B 88 12.30 19.27 -0.17
C LEU B 88 12.82 19.59 -1.57
N SER B 89 14.13 19.43 -1.79
CA SER B 89 14.69 19.68 -3.12
C SER B 89 14.09 18.71 -4.12
N PHE B 90 13.97 17.44 -3.72
CA PHE B 90 13.47 16.39 -4.59
C PHE B 90 12.09 16.79 -5.09
N ILE B 91 11.16 16.99 -4.15
CA ILE B 91 9.79 17.26 -4.56
C ILE B 91 9.73 18.57 -5.33
N THR B 92 10.49 19.59 -4.90
CA THR B 92 10.58 20.83 -5.67
C THR B 92 10.92 20.56 -7.13
N VAL B 93 11.85 19.64 -7.37
CA VAL B 93 12.22 19.25 -8.74
C VAL B 93 11.03 18.62 -9.43
N LEU B 94 10.21 17.87 -8.70
CA LEU B 94 9.08 17.23 -9.35
C LEU B 94 7.99 18.24 -9.66
N MET B 95 7.78 19.23 -8.79
CA MET B 95 6.77 20.23 -9.12
C MET B 95 7.25 21.00 -10.32
N LEU B 96 8.52 21.45 -10.31
CA LEU B 96 9.03 22.23 -11.43
C LEU B 96 8.79 21.48 -12.73
N VAL B 97 9.08 20.17 -12.73
CA VAL B 97 8.86 19.35 -13.92
C VAL B 97 7.39 19.41 -14.32
N GLN B 98 6.49 19.37 -13.34
CA GLN B 98 5.07 19.37 -13.65
C GLN B 98 4.69 20.70 -14.29
N LEU B 99 4.97 21.81 -13.60
CA LEU B 99 4.74 23.14 -14.14
C LEU B 99 5.18 23.22 -15.60
N VAL B 100 6.42 22.79 -15.86
CA VAL B 100 6.97 22.84 -17.22
C VAL B 100 6.09 22.02 -18.16
N TRP B 101 5.64 20.85 -17.70
CA TRP B 101 4.75 20.02 -18.53
C TRP B 101 3.51 20.81 -18.90
N MET B 102 2.90 21.46 -17.92
CA MET B 102 1.68 22.23 -18.17
C MET B 102 1.95 23.36 -19.16
N LEU B 103 3.12 24.00 -19.04
CA LEU B 103 3.45 25.06 -19.98
C LEU B 103 3.57 24.50 -21.39
N CYS B 104 4.18 23.33 -21.53
CA CYS B 104 4.32 22.74 -22.86
C CYS B 104 2.95 22.38 -23.40
N TYR B 105 2.06 21.92 -22.53
CA TYR B 105 0.71 21.56 -22.97
C TYR B 105 -0.01 22.79 -23.49
N MET B 106 0.09 23.91 -22.77
CA MET B 106 -0.55 25.14 -23.21
C MET B 106 0.07 25.64 -24.51
N ILE B 107 1.37 25.38 -24.72
CA ILE B 107 2.00 25.77 -25.97
C ILE B 107 1.46 24.92 -27.11
N ARG B 108 1.32 23.61 -26.89
CA ARG B 108 0.79 22.73 -27.92
C ARG B 108 -0.61 23.13 -28.35
N ARG B 109 -1.45 23.53 -27.40
CA ARG B 109 -2.83 23.91 -27.70
C ARG B 109 -2.84 25.35 -28.24
N GLU B 110 -2.31 25.48 -29.46
CA GLU B 110 -2.18 26.77 -30.11
C GLU B 110 -3.51 27.20 -30.73
N GLY B 124 -22.77 16.93 -8.46
CA GLY B 124 -21.53 16.30 -8.04
C GLY B 124 -20.31 17.13 -8.38
N ALA B 125 -20.20 17.50 -9.65
CA ALA B 125 -19.04 18.26 -10.11
C ALA B 125 -18.91 19.60 -9.39
N SER B 126 -20.03 20.23 -9.04
CA SER B 126 -19.95 21.52 -8.37
C SER B 126 -19.40 21.36 -6.97
N TRP B 127 -19.76 20.28 -6.28
CA TRP B 127 -19.25 20.06 -4.93
C TRP B 127 -17.75 19.81 -5.01
N ILE B 128 -17.34 19.00 -5.98
CA ILE B 128 -15.94 18.63 -6.11
C ILE B 128 -15.09 19.88 -6.37
N ARG B 129 -15.53 20.70 -7.33
CA ARG B 129 -14.77 21.91 -7.65
C ARG B 129 -14.77 22.89 -6.49
N GLY B 130 -15.90 23.04 -5.78
CA GLY B 130 -15.91 23.95 -4.64
C GLY B 130 -14.96 23.49 -3.55
N GLY B 131 -14.96 22.20 -3.26
CA GLY B 131 -14.07 21.67 -2.24
C GLY B 131 -12.63 21.87 -2.64
N LEU B 132 -12.32 21.63 -3.92
CA LEU B 132 -10.97 21.78 -4.43
C LEU B 132 -10.50 23.22 -4.27
N THR B 133 -11.34 24.17 -4.69
CA THR B 133 -10.93 25.58 -4.63
C THR B 133 -10.76 26.03 -3.18
N MET B 134 -11.68 25.68 -2.28
CA MET B 134 -11.53 26.14 -0.91
C MET B 134 -10.31 25.52 -0.24
N LEU B 135 -10.03 24.24 -0.56
CA LEU B 135 -8.85 23.60 0.00
C LEU B 135 -7.60 24.25 -0.57
N ALA B 136 -7.62 24.61 -1.86
CA ALA B 136 -6.50 25.27 -2.48
C ALA B 136 -6.24 26.61 -1.83
N LEU B 137 -7.31 27.35 -1.49
CA LEU B 137 -7.15 28.64 -0.84
C LEU B 137 -6.50 28.46 0.53
N LEU B 138 -6.87 27.39 1.23
CA LEU B 138 -6.26 27.16 2.54
C LEU B 138 -4.82 26.70 2.39
N SER B 139 -4.53 25.89 1.38
CA SER B 139 -3.18 25.41 1.18
C SER B 139 -2.28 26.51 0.63
N LEU B 140 -2.87 27.54 0.02
CA LEU B 140 -2.10 28.68 -0.47
C LEU B 140 -1.82 29.65 0.67
N ILE B 141 -2.81 29.89 1.54
CA ILE B 141 -2.52 30.77 2.65
C ILE B 141 -1.49 30.09 3.56
N MET B 142 -1.50 28.75 3.60
CA MET B 142 -0.47 28.01 4.34
C MET B 142 0.92 28.41 3.86
N ASP B 143 1.04 28.68 2.56
CA ASP B 143 2.35 29.05 2.04
C ASP B 143 2.59 30.52 2.28
N ALA B 144 1.53 31.33 2.28
CA ALA B 144 1.70 32.73 2.59
C ALA B 144 2.31 32.87 3.99
N PHE B 145 1.88 32.01 4.91
CA PHE B 145 2.42 32.00 6.27
C PHE B 145 3.86 31.50 6.29
N ARG B 146 4.15 30.41 5.56
CA ARG B 146 5.51 29.91 5.52
C ARG B 146 6.47 30.95 4.94
N ILE B 147 6.11 31.54 3.79
CA ILE B 147 6.94 32.58 3.18
C ILE B 147 7.11 33.74 4.15
N GLY B 148 6.05 34.13 4.86
CA GLY B 148 6.15 35.21 5.82
C GLY B 148 7.11 34.91 6.95
N TYR B 149 7.16 33.65 7.39
CA TYR B 149 8.07 33.26 8.47
C TYR B 149 9.52 33.62 8.15
N PHE B 150 9.92 33.44 6.89
CA PHE B 150 11.28 33.77 6.46
C PHE B 150 11.27 35.07 5.66
N GLY B 162 11.74 28.76 2.72
CA GLY B 162 12.81 29.01 1.77
C GLY B 162 12.31 29.13 0.35
N VAL B 163 12.59 28.10 -0.45
CA VAL B 163 12.18 28.06 -1.85
C VAL B 163 10.92 27.23 -2.03
N TYR B 164 10.86 26.06 -1.38
CA TYR B 164 9.74 25.14 -1.47
C TYR B 164 8.35 25.78 -1.35
N PRO B 165 8.06 26.65 -0.38
CA PRO B 165 6.71 27.23 -0.30
C PRO B 165 6.31 28.04 -1.53
N ILE B 166 7.28 28.52 -2.32
CA ILE B 166 6.96 29.34 -3.48
C ILE B 166 6.60 28.44 -4.65
N VAL B 167 7.40 27.39 -4.85
CA VAL B 167 7.09 26.45 -5.91
C VAL B 167 5.77 25.76 -5.59
N HIS B 168 5.55 25.46 -4.31
CA HIS B 168 4.29 24.84 -3.90
C HIS B 168 3.11 25.76 -4.20
N ALA B 169 3.25 27.07 -3.91
CA ALA B 169 2.18 28.00 -4.23
C ALA B 169 1.91 28.04 -5.73
N LEU B 170 2.98 28.00 -6.53
CA LEU B 170 2.80 28.02 -7.99
C LEU B 170 2.11 26.74 -8.43
N HIS B 171 2.52 25.61 -7.86
CA HIS B 171 1.90 24.33 -8.17
C HIS B 171 0.41 24.37 -7.87
N THR B 172 0.05 24.85 -6.67
CA THR B 172 -1.34 24.91 -6.26
C THR B 172 -2.15 25.73 -7.26
N ILE B 173 -1.63 26.90 -7.64
CA ILE B 173 -2.35 27.78 -8.55
C ILE B 173 -2.51 27.09 -9.90
N SER B 174 -1.46 26.40 -10.35
CA SER B 174 -1.51 25.68 -11.61
C SER B 174 -2.59 24.62 -11.55
N GLN B 175 -2.53 23.74 -10.54
CA GLN B 175 -3.49 22.64 -10.43
C GLN B 175 -4.92 23.18 -10.48
N VAL B 176 -5.23 24.13 -9.59
CA VAL B 176 -6.57 24.72 -9.55
C VAL B 176 -7.01 25.15 -10.95
N HIS B 177 -6.14 25.86 -11.66
CA HIS B 177 -6.54 26.37 -12.99
C HIS B 177 -6.77 25.22 -13.96
N PHE B 178 -5.83 24.27 -14.01
CA PHE B 178 -5.91 23.17 -14.96
C PHE B 178 -7.16 22.33 -14.68
N LEU B 179 -7.39 21.99 -13.41
CA LEU B 179 -8.52 21.16 -13.05
C LEU B 179 -9.83 21.89 -13.32
N TRP B 180 -9.84 23.21 -13.10
CA TRP B 180 -11.04 23.99 -13.34
C TRP B 180 -11.41 24.03 -14.83
N PHE B 181 -10.43 24.30 -15.70
CA PHE B 181 -10.72 24.53 -17.11
C PHE B 181 -10.42 23.38 -18.08
N HIS B 182 -9.45 22.50 -17.84
CA HIS B 182 -9.03 21.52 -18.85
C HIS B 182 -9.27 20.06 -18.52
N ILE B 183 -8.94 19.57 -17.31
CA ILE B 183 -9.08 18.13 -16.99
C ILE B 183 -10.45 17.56 -17.38
N LYS B 184 -11.49 18.40 -17.37
CA LYS B 184 -12.85 17.92 -17.65
C LYS B 184 -12.93 17.27 -19.03
N ASP B 185 -12.67 18.01 -20.11
CA ASP B 185 -12.84 17.47 -21.46
C ASP B 185 -11.69 17.81 -22.39
N VAL B 186 -10.89 18.84 -22.10
CA VAL B 186 -9.83 19.25 -23.02
C VAL B 186 -8.84 18.11 -23.21
N ILE B 187 -8.53 17.40 -22.13
CA ILE B 187 -7.55 16.32 -22.16
C ILE B 187 -8.07 15.09 -22.90
N LYS B 188 -9.40 14.97 -23.07
CA LYS B 188 -10.06 13.81 -23.69
C LYS B 188 -9.32 13.30 -24.93
N LYS B 189 -8.88 14.21 -25.79
CA LYS B 189 -8.19 13.87 -27.03
C LYS B 189 -6.70 13.85 -26.68
N TYR B 190 -6.13 12.65 -26.55
CA TYR B 190 -4.77 12.53 -26.03
C TYR B 190 -4.05 11.31 -26.59
N GLU B 191 -2.73 11.30 -26.36
CA GLU B 191 -1.81 10.28 -26.85
C GLU B 191 -0.85 9.86 -25.72
N THR B 192 0.48 10.03 -25.85
CA THR B 192 1.39 9.60 -24.79
C THR B 192 1.86 10.75 -23.90
N PHE B 193 1.81 11.99 -24.39
CA PHE B 193 2.24 13.15 -23.61
C PHE B 193 1.38 13.27 -22.36
N GLU B 194 0.07 13.17 -22.54
CA GLU B 194 -0.88 13.27 -21.43
C GLU B 194 -0.77 12.06 -20.53
N ARG B 195 -0.58 10.87 -21.10
CA ARG B 195 -0.47 9.68 -20.26
C ARG B 195 0.73 9.79 -19.33
N PHE B 196 1.83 10.39 -19.77
CA PHE B 196 2.93 10.56 -18.82
C PHE B 196 2.66 11.72 -17.86
N GLY B 197 2.00 12.78 -18.35
CA GLY B 197 1.70 13.93 -17.52
C GLY B 197 0.80 13.61 -16.34
N VAL B 198 -0.28 12.88 -16.59
CA VAL B 198 -1.23 12.57 -15.53
C VAL B 198 -0.57 11.69 -14.48
N ILE B 199 0.17 10.66 -14.90
CA ILE B 199 0.82 9.78 -13.93
C ILE B 199 1.80 10.59 -13.08
N HIS B 200 2.56 11.49 -13.72
CA HIS B 200 3.46 12.36 -12.95
C HIS B 200 2.68 13.16 -11.92
N ALA B 201 1.56 13.76 -12.33
CA ALA B 201 0.79 14.59 -11.40
C ALA B 201 0.23 13.76 -10.24
N VAL B 202 -0.21 12.53 -10.54
CA VAL B 202 -0.79 11.66 -9.53
C VAL B 202 0.26 11.31 -8.49
N PHE B 203 1.48 11.01 -8.93
CA PHE B 203 2.50 10.58 -7.98
C PHE B 203 3.28 11.74 -7.39
N THR B 204 3.11 12.96 -7.92
CA THR B 204 3.62 14.13 -7.25
C THR B 204 2.70 14.49 -6.10
N ASN B 205 1.39 14.45 -6.33
CA ASN B 205 0.43 14.78 -5.27
C ASN B 205 0.43 13.69 -4.21
N LEU B 206 0.36 12.43 -4.63
CA LEU B 206 0.29 11.31 -3.71
C LEU B 206 1.61 11.13 -2.93
N LEU B 207 2.65 11.91 -3.24
CA LEU B 207 3.93 11.92 -2.56
C LEU B 207 4.08 13.18 -1.73
N LEU B 208 3.30 14.22 -2.08
CA LEU B 208 3.27 15.42 -1.26
C LEU B 208 2.38 15.13 -0.07
N TRP B 209 1.47 14.17 -0.22
CA TRP B 209 0.66 13.78 0.92
C TRP B 209 1.52 13.01 1.90
N CYS B 210 2.49 12.23 1.39
CA CYS B 210 3.43 11.54 2.26
C CYS B 210 4.23 12.56 3.05
N ASN B 211 4.90 13.48 2.34
CA ASN B 211 5.68 14.52 3.01
C ASN B 211 4.82 15.27 4.02
N GLY B 212 3.58 15.59 3.64
CA GLY B 212 2.69 16.31 4.54
C GLY B 212 2.47 15.55 5.83
N VAL B 213 2.09 14.27 5.70
CA VAL B 213 1.79 13.42 6.86
C VAL B 213 3.01 13.32 7.78
N MET B 214 4.22 13.20 7.21
CA MET B 214 5.38 13.05 8.08
C MET B 214 5.61 14.34 8.88
N SER B 215 5.55 15.48 8.21
CA SER B 215 5.87 16.75 8.85
C SER B 215 4.67 17.27 9.64
N VAL B 251 6.34 36.40 17.26
CA VAL B 251 4.97 35.97 17.01
C VAL B 251 4.93 34.48 16.68
N CYS B 252 5.79 33.71 17.37
CA CYS B 252 5.86 32.27 17.13
C CYS B 252 4.53 31.58 17.39
N SER B 253 3.76 32.06 18.37
CA SER B 253 2.47 31.45 18.64
C SER B 253 1.43 31.78 17.57
N MET B 254 1.64 32.87 16.83
CA MET B 254 0.71 33.20 15.76
C MET B 254 0.90 32.22 14.61
N PHE B 255 2.16 31.99 14.23
CA PHE B 255 2.43 31.08 13.13
C PHE B 255 2.03 29.67 13.55
N SER B 256 2.38 29.27 14.78
CA SER B 256 2.04 27.92 15.24
C SER B 256 0.53 27.70 15.20
N THR B 257 -0.25 28.69 15.67
CA THR B 257 -1.70 28.55 15.70
C THR B 257 -2.26 28.43 14.29
N SER B 258 -1.80 29.29 13.36
CA SER B 258 -2.34 29.23 12.01
C SER B 258 -1.94 27.93 11.32
N LEU B 259 -0.69 27.50 11.51
CA LEU B 259 -0.25 26.27 10.85
C LEU B 259 -1.01 25.07 11.39
N TYR B 260 -1.30 25.08 12.71
CA TYR B 260 -2.10 24.02 13.29
C TYR B 260 -3.48 23.97 12.66
N TYR B 261 -4.17 25.11 12.59
CA TYR B 261 -5.54 25.05 12.06
C TYR B 261 -5.56 24.71 10.57
N LEU B 262 -4.54 25.14 9.82
CA LEU B 262 -4.51 24.87 8.38
C LEU B 262 -3.95 23.50 8.00
N TYR B 263 -3.32 22.77 8.93
CA TYR B 263 -2.62 21.54 8.59
C TYR B 263 -3.55 20.47 7.98
N PRO B 264 -4.70 20.12 8.58
CA PRO B 264 -5.55 19.09 7.98
C PRO B 264 -6.07 19.48 6.62
N PHE B 265 -6.10 20.77 6.29
CA PHE B 265 -6.67 21.20 5.03
C PHE B 265 -5.63 21.14 3.93
N ASN B 266 -4.35 21.23 4.29
CA ASN B 266 -3.29 21.08 3.30
C ASN B 266 -3.15 19.61 2.96
N ILE B 267 -3.23 18.75 3.98
CA ILE B 267 -3.14 17.32 3.68
C ILE B 267 -4.38 16.90 2.91
N GLU B 268 -5.56 17.33 3.33
CA GLU B 268 -6.77 16.97 2.59
C GLU B 268 -6.68 17.48 1.16
N TYR B 269 -6.12 18.69 0.97
CA TYR B 269 -5.94 19.22 -0.38
C TYR B 269 -5.19 18.22 -1.24
N HIS B 270 -4.09 17.68 -0.70
CA HIS B 270 -3.31 16.73 -1.47
C HIS B 270 -4.11 15.45 -1.73
N ILE B 271 -4.93 15.03 -0.75
CA ILE B 271 -5.73 13.83 -0.92
C ILE B 271 -6.74 14.05 -2.04
N PHE B 272 -7.40 15.20 -2.00
CA PHE B 272 -8.47 15.53 -2.94
C PHE B 272 -7.92 15.61 -4.37
N VAL B 273 -6.79 16.28 -4.53
CA VAL B 273 -6.17 16.39 -5.86
C VAL B 273 -5.75 15.01 -6.34
N SER B 274 -5.12 14.21 -5.47
CA SER B 274 -4.75 12.85 -5.83
C SER B 274 -5.97 12.13 -6.39
N ALA B 275 -7.07 12.19 -5.63
CA ALA B 275 -8.32 11.53 -5.99
C ALA B 275 -8.72 11.90 -7.42
N MET B 276 -8.92 13.21 -7.65
CA MET B 276 -9.40 13.67 -8.95
C MET B 276 -8.48 13.26 -10.08
N LEU B 277 -7.16 13.45 -9.93
CA LEU B 277 -6.23 13.12 -11.01
C LEU B 277 -6.30 11.66 -11.40
N PHE B 278 -6.28 10.77 -10.40
CA PHE B 278 -6.32 9.33 -10.67
C PHE B 278 -7.63 8.96 -11.36
N GLY B 307 -36.75 12.60 12.87
CA GLY B 307 -35.45 12.58 12.20
C GLY B 307 -34.87 13.97 12.02
N PRO B 308 -35.49 14.77 11.13
CA PRO B 308 -34.95 16.12 10.85
C PRO B 308 -34.70 16.96 12.09
N LEU B 309 -35.50 16.80 13.15
CA LEU B 309 -35.29 17.59 14.35
C LEU B 309 -33.99 17.19 15.04
N GLY B 310 -33.65 15.90 15.00
CA GLY B 310 -32.41 15.48 15.63
C GLY B 310 -31.23 16.04 14.86
N GLY B 311 -31.36 16.08 13.54
CA GLY B 311 -30.30 16.64 12.71
C GLY B 311 -30.07 18.10 13.02
N LEU B 312 -31.16 18.88 13.04
CA LEU B 312 -31.06 20.31 13.28
C LEU B 312 -30.52 20.59 14.67
N VAL B 313 -30.89 19.78 15.67
CA VAL B 313 -30.31 19.96 17.00
C VAL B 313 -28.83 19.61 16.98
N ALA B 314 -28.47 18.50 16.32
CA ALA B 314 -27.08 18.07 16.24
C ALA B 314 -26.20 19.15 15.62
N LEU B 315 -26.74 19.91 14.65
CA LEU B 315 -25.93 20.95 14.03
C LEU B 315 -25.53 22.02 15.03
N ALA B 316 -26.42 22.33 16.00
CA ALA B 316 -26.09 23.32 17.03
C ALA B 316 -25.22 22.68 18.09
N SER B 317 -25.45 21.39 18.37
CA SER B 317 -24.70 20.70 19.40
C SER B 317 -23.23 20.61 19.01
N SER B 318 -22.94 20.42 17.72
CA SER B 318 -21.55 20.31 17.29
C SER B 318 -20.77 21.57 17.70
N VAL B 319 -21.37 22.73 17.46
CA VAL B 319 -20.73 23.99 17.82
C VAL B 319 -20.65 24.11 19.33
N SER B 320 -21.70 23.72 20.04
CA SER B 320 -21.67 23.81 21.50
C SER B 320 -20.54 22.95 22.07
N VAL B 321 -20.37 21.74 21.53
CA VAL B 321 -19.31 20.84 21.99
C VAL B 321 -17.94 21.46 21.70
N LEU B 322 -17.77 22.02 20.50
CA LEU B 322 -16.53 22.68 20.14
C LEU B 322 -16.19 23.81 21.12
N VAL B 323 -17.17 24.67 21.41
CA VAL B 323 -16.91 25.81 22.29
C VAL B 323 -16.59 25.33 23.69
N VAL B 324 -17.35 24.38 24.24
CA VAL B 324 -17.06 23.98 25.61
C VAL B 324 -15.72 23.25 25.68
N TYR B 325 -15.37 22.48 24.65
CA TYR B 325 -14.04 21.86 24.62
C TYR B 325 -12.95 22.92 24.68
N LEU B 326 -13.07 23.95 23.84
CA LEU B 326 -12.09 25.03 23.85
C LEU B 326 -12.23 25.94 25.07
N ILE B 327 -13.41 25.99 25.69
CA ILE B 327 -13.63 26.81 26.89
C ILE B 327 -14.37 25.95 27.91
N VAL B 340 -12.99 17.05 27.03
CA VAL B 340 -12.43 15.83 26.44
C VAL B 340 -13.51 14.76 26.48
N SER B 341 -13.98 14.43 27.68
CA SER B 341 -14.95 13.35 27.84
C SER B 341 -16.25 13.66 27.11
N MET B 342 -16.58 14.94 26.94
CA MET B 342 -17.79 15.28 26.21
C MET B 342 -17.65 14.87 24.75
N PHE B 343 -16.44 14.92 24.20
CA PHE B 343 -16.24 14.53 22.81
C PHE B 343 -16.56 13.05 22.63
N TYR B 344 -16.03 12.22 23.53
CA TYR B 344 -16.23 10.79 23.42
C TYR B 344 -17.68 10.40 23.69
N TYR B 345 -18.35 11.09 24.63
CA TYR B 345 -19.73 10.74 24.89
C TYR B 345 -20.62 11.17 23.72
N TYR B 346 -20.33 12.34 23.15
CA TYR B 346 -21.09 12.83 22.00
C TYR B 346 -20.90 11.88 20.84
N GLY B 347 -19.65 11.50 20.56
CA GLY B 347 -19.37 10.62 19.45
C GLY B 347 -20.03 9.27 19.60
N VAL B 348 -20.03 8.70 20.81
CA VAL B 348 -20.67 7.39 20.99
C VAL B 348 -22.17 7.51 20.76
N ALA B 349 -22.80 8.55 21.34
CA ALA B 349 -24.25 8.71 21.15
C ALA B 349 -24.59 8.93 19.69
N MET B 350 -23.75 9.71 18.99
CA MET B 350 -24.03 10.06 17.61
C MET B 350 -23.83 8.85 16.71
N MET B 351 -22.78 8.07 16.95
CA MET B 351 -22.54 6.92 16.10
C MET B 351 -23.59 5.85 16.33
N ALA B 352 -24.06 5.69 17.58
CA ALA B 352 -25.13 4.70 17.80
C ALA B 352 -26.40 5.12 17.07
N CYS B 353 -26.72 6.42 17.08
CA CYS B 353 -27.91 6.87 16.38
C CYS B 353 -27.75 6.69 14.87
N MET B 354 -26.56 6.99 14.34
CA MET B 354 -26.33 6.81 12.91
C MET B 354 -26.46 5.35 12.53
N CYS B 355 -25.93 4.44 13.35
CA CYS B 355 -26.03 3.02 13.04
C CYS B 355 -27.48 2.58 13.00
N VAL B 356 -28.29 3.08 13.94
CA VAL B 356 -29.71 2.71 13.96
C VAL B 356 -30.40 3.24 12.71
N GLY B 357 -30.15 4.50 12.36
CA GLY B 357 -30.78 5.09 11.19
C GLY B 357 -30.44 4.34 9.90
N SER B 358 -29.15 4.11 9.68
CA SER B 358 -28.72 3.44 8.47
C SER B 358 -29.23 2.00 8.43
N GLY B 359 -29.20 1.29 9.57
CA GLY B 359 -29.70 -0.07 9.58
C GLY B 359 -31.18 -0.10 9.26
N THR B 360 -31.93 0.86 9.78
CA THR B 360 -33.36 0.93 9.49
C THR B 360 -33.57 1.12 8.00
N GLY B 361 -32.78 2.03 7.40
CA GLY B 361 -32.92 2.27 5.97
C GLY B 361 -32.63 1.01 5.16
N LEU B 362 -31.61 0.25 5.57
CA LEU B 362 -31.30 -0.99 4.86
C LEU B 362 -32.43 -2.00 5.01
N LEU B 363 -33.05 -2.04 6.20
CA LEU B 363 -34.17 -2.95 6.42
C LEU B 363 -35.37 -2.58 5.55
N VAL B 364 -35.60 -1.28 5.34
CA VAL B 364 -36.71 -0.87 4.48
C VAL B 364 -36.48 -1.37 3.06
N TYR B 365 -35.24 -1.35 2.60
CA TYR B 365 -34.92 -1.86 1.27
C TYR B 365 -35.07 -3.38 1.26
N THR B 381 -19.60 2.85 -10.06
CA THR B 381 -18.78 2.09 -9.12
C THR B 381 -17.65 2.94 -8.51
N LEU B 382 -17.50 4.17 -8.98
CA LEU B 382 -16.44 5.04 -8.45
C LEU B 382 -16.77 5.57 -7.07
N ASP B 383 -18.06 5.76 -6.77
CA ASP B 383 -18.45 6.29 -5.48
C ASP B 383 -18.16 5.28 -4.39
N THR B 384 -18.43 4.01 -4.64
CA THR B 384 -18.21 2.97 -3.63
C THR B 384 -16.72 2.89 -3.32
N GLU B 385 -15.88 2.91 -4.35
CA GLU B 385 -14.45 2.79 -4.15
C GLU B 385 -13.90 4.01 -3.43
N LEU B 386 -14.40 5.21 -3.73
CA LEU B 386 -13.92 6.38 -3.01
C LEU B 386 -14.34 6.33 -1.55
N LEU B 387 -15.57 5.84 -1.28
CA LEU B 387 -16.01 5.74 0.10
C LEU B 387 -15.15 4.76 0.88
N LEU B 388 -14.80 3.63 0.26
CA LEU B 388 -13.97 2.66 0.98
C LEU B 388 -12.55 3.19 1.19
N ALA B 389 -12.01 3.85 0.15
CA ALA B 389 -10.65 4.36 0.21
C ALA B 389 -10.53 5.38 1.32
N SER B 390 -11.57 6.19 1.52
CA SER B 390 -11.49 7.20 2.56
C SER B 390 -11.84 6.61 3.92
N SER B 391 -12.67 5.55 3.93
CA SER B 391 -13.06 4.90 5.17
C SER B 391 -11.86 4.25 5.86
N LEU B 392 -10.87 3.82 5.07
CA LEU B 392 -9.73 3.11 5.66
C LEU B 392 -8.98 3.96 6.69
N GLY B 393 -9.03 5.29 6.58
CA GLY B 393 -8.33 6.12 7.55
C GLY B 393 -8.92 5.94 8.94
N SER B 394 -10.24 6.00 9.03
CA SER B 394 -10.90 5.88 10.32
C SER B 394 -10.81 4.45 10.79
N TRP B 395 -10.84 3.48 9.86
CA TRP B 395 -10.75 2.09 10.28
C TRP B 395 -9.40 1.82 10.92
N LEU B 396 -8.32 2.29 10.32
CA LEU B 396 -7.01 2.14 10.94
C LEU B 396 -6.97 2.79 12.31
N MET B 397 -7.46 4.03 12.41
CA MET B 397 -7.42 4.74 13.69
C MET B 397 -8.21 3.97 14.76
N SER B 398 -9.38 3.47 14.37
CA SER B 398 -10.22 2.72 15.27
C SER B 398 -9.55 1.42 15.72
N TRP B 399 -8.94 0.67 14.79
CA TRP B 399 -8.32 -0.58 15.22
C TRP B 399 -7.11 -0.32 16.11
N CYS B 400 -6.43 0.83 15.92
CA CYS B 400 -5.35 1.15 16.84
C CYS B 400 -5.89 1.38 18.24
N SER B 401 -7.01 2.10 18.33
CA SER B 401 -7.60 2.32 19.65
C SER B 401 -8.11 1.02 20.25
N VAL B 402 -8.70 0.14 19.44
CA VAL B 402 -9.23 -1.13 19.93
C VAL B 402 -8.11 -2.02 20.46
N VAL B 403 -7.00 -2.13 19.71
CA VAL B 403 -5.90 -2.97 20.16
C VAL B 403 -5.30 -2.43 21.45
N ALA B 404 -5.07 -1.11 21.52
CA ALA B 404 -4.49 -0.58 22.75
C ALA B 404 -5.47 -0.73 23.92
N SER B 405 -6.76 -0.54 23.67
CA SER B 405 -7.75 -0.65 24.74
C SER B 405 -7.83 -2.07 25.27
N VAL B 406 -7.85 -3.07 24.38
CA VAL B 406 -7.93 -4.46 24.82
C VAL B 406 -6.64 -4.85 25.54
N ALA B 407 -5.48 -4.47 24.99
CA ALA B 407 -4.22 -4.81 25.63
C ALA B 407 -4.13 -4.24 27.03
N GLU B 408 -4.63 -3.00 27.22
CA GLU B 408 -4.62 -2.44 28.56
C GLU B 408 -5.67 -3.13 29.44
N ALA B 409 -6.84 -3.42 28.85
CA ALA B 409 -7.90 -4.13 29.56
C ALA B 409 -7.44 -5.47 30.11
N GLY B 410 -6.42 -6.08 29.50
CA GLY B 410 -5.91 -7.33 30.03
C GLY B 410 -5.40 -7.17 31.45
N GLN B 411 -4.73 -6.06 31.74
CA GLN B 411 -4.25 -5.76 33.07
C GLN B 411 -5.30 -4.96 33.83
N LYS B 412 -5.09 -4.80 35.14
CA LYS B 412 -6.00 -4.00 35.96
C LYS B 412 -5.83 -2.53 35.62
N SER B 413 -6.81 -1.96 34.91
CA SER B 413 -6.72 -0.56 34.52
C SER B 413 -8.10 0.04 34.22
N PRO B 414 -8.49 1.17 34.80
CA PRO B 414 -9.78 1.79 34.42
C PRO B 414 -9.70 2.72 33.23
N SER B 415 -8.56 2.76 32.52
CA SER B 415 -8.36 3.66 31.39
C SER B 415 -9.47 3.55 30.35
N PHE B 416 -9.70 2.34 29.83
CA PHE B 416 -10.65 2.17 28.74
C PHE B 416 -12.05 2.61 29.16
N SER B 417 -12.51 2.17 30.33
CA SER B 417 -13.87 2.49 30.81
C SER B 417 -14.96 2.20 29.78
N TRP B 418 -14.74 1.19 28.93
CA TRP B 418 -15.65 0.79 27.86
C TRP B 418 -16.31 1.96 27.12
N THR B 419 -15.55 3.04 26.95
CA THR B 419 -15.98 4.21 26.22
C THR B 419 -15.13 4.46 24.98
N SER B 420 -13.83 4.13 25.02
CA SER B 420 -13.00 4.24 23.82
C SER B 420 -13.14 2.99 22.95
N LEU B 421 -13.42 1.83 23.57
CA LEU B 421 -13.62 0.61 22.81
C LEU B 421 -14.95 0.64 22.09
N THR B 422 -16.01 1.06 22.79
CA THR B 422 -17.32 1.11 22.16
C THR B 422 -17.30 2.17 21.06
N TYR B 423 -16.67 3.32 21.34
CA TYR B 423 -16.56 4.38 20.35
C TYR B 423 -15.89 3.84 19.07
N SER B 424 -14.76 3.17 19.23
CA SER B 424 -14.02 2.69 18.07
C SER B 424 -14.81 1.63 17.30
N LEU B 425 -15.46 0.71 18.02
CA LEU B 425 -16.23 -0.33 17.35
C LEU B 425 -17.47 0.25 16.68
N LEU B 426 -18.10 1.23 17.31
CA LEU B 426 -19.24 1.88 16.69
C LEU B 426 -18.81 2.63 15.45
N LEU B 427 -17.63 3.26 15.47
CA LEU B 427 -17.19 3.98 14.27
C LEU B 427 -17.04 3.00 13.12
N VAL B 428 -16.48 1.83 13.39
CA VAL B 428 -16.31 0.82 12.34
C VAL B 428 -17.67 0.36 11.85
N LEU B 429 -18.60 0.09 12.77
CA LEU B 429 -19.92 -0.39 12.36
C LEU B 429 -20.67 0.70 11.60
N GLU B 430 -20.61 1.94 12.06
CA GLU B 430 -21.29 3.05 11.41
C GLU B 430 -20.84 3.18 9.97
N LYS B 431 -19.53 3.13 9.75
CA LYS B 431 -19.03 3.25 8.39
C LYS B 431 -19.43 2.04 7.55
N CYS B 432 -19.36 0.84 8.14
CA CYS B 432 -19.68 -0.37 7.40
C CYS B 432 -21.15 -0.43 7.02
N ILE B 433 -22.03 0.20 7.79
CA ILE B 433 -23.46 0.18 7.46
C ILE B 433 -23.78 1.32 6.51
N GLN B 434 -23.24 2.52 6.78
CA GLN B 434 -23.55 3.66 5.93
C GLN B 434 -23.07 3.44 4.51
N ASN B 435 -21.91 2.78 4.33
CA ASN B 435 -21.43 2.55 2.97
C ASN B 435 -22.42 1.70 2.19
N LEU B 436 -23.09 0.76 2.85
CA LEU B 436 -24.06 -0.07 2.16
C LEU B 436 -25.34 0.71 1.91
N PHE B 437 -25.77 1.51 2.90
CA PHE B 437 -26.98 2.29 2.71
C PHE B 437 -26.84 3.21 1.51
N ILE B 438 -25.71 3.91 1.43
CA ILE B 438 -25.48 4.84 0.33
C ILE B 438 -25.43 4.10 -1.00
N VAL B 439 -24.68 2.98 -1.05
CA VAL B 439 -24.55 2.24 -2.31
C VAL B 439 -25.90 1.69 -2.77
N GLU B 440 -26.70 1.16 -1.83
CA GLU B 440 -28.02 0.65 -2.20
C GLU B 440 -28.94 1.77 -2.66
N SER B 441 -28.85 2.93 -2.01
CA SER B 441 -29.71 4.05 -2.41
C SER B 441 -29.43 4.50 -3.84
N LEU B 442 -28.16 4.50 -4.23
CA LEU B 442 -27.78 4.86 -5.58
C LEU B 442 -28.01 3.69 -6.54
N GLY B 512 -45.24 2.76 -0.92
CA GLY B 512 -45.29 4.20 -1.08
C GLY B 512 -45.15 4.94 0.23
N ARG B 513 -45.79 4.43 1.27
CA ARG B 513 -45.72 5.05 2.59
C ARG B 513 -44.32 5.01 3.17
N LYS B 514 -43.46 4.09 2.72
CA LYS B 514 -42.11 3.99 3.24
C LYS B 514 -41.18 5.07 2.70
N ARG B 515 -41.57 5.76 1.63
CA ARG B 515 -40.66 6.75 1.07
C ARG B 515 -40.42 7.87 2.05
N GLN B 516 -41.43 8.22 2.85
CA GLN B 516 -41.24 9.31 3.79
C GLN B 516 -40.22 8.94 4.85
N ILE B 517 -40.20 7.68 5.31
CA ILE B 517 -39.22 7.36 6.33
C ILE B 517 -37.85 7.36 5.69
N LEU B 518 -37.75 6.92 4.44
CA LEU B 518 -36.47 6.94 3.76
C LEU B 518 -36.00 8.38 3.61
N LYS B 519 -36.95 9.30 3.36
CA LYS B 519 -36.57 10.70 3.27
C LYS B 519 -36.09 11.18 4.62
N ASN B 520 -36.77 10.78 5.69
CA ASN B 520 -36.35 11.22 7.01
C ASN B 520 -34.99 10.63 7.32
N ILE B 521 -34.74 9.41 6.84
CA ILE B 521 -33.44 8.80 7.07
C ILE B 521 -32.37 9.61 6.35
N CYS B 522 -32.62 9.96 5.09
CA CYS B 522 -31.59 10.74 4.40
C CYS B 522 -31.37 12.08 5.09
N MET B 523 -32.43 12.66 5.67
CA MET B 523 -32.26 13.99 6.27
C MET B 523 -31.47 13.85 7.54
N PHE B 524 -31.96 13.00 8.44
CA PHE B 524 -31.31 12.82 9.72
C PHE B 524 -29.87 12.39 9.53
N LEU B 525 -29.55 11.69 8.41
CA LEU B 525 -28.17 11.23 8.29
C LEU B 525 -27.24 12.35 7.85
N PHE B 526 -27.61 13.20 6.86
CA PHE B 526 -26.57 14.13 6.46
C PHE B 526 -26.47 15.31 7.41
N MET B 527 -27.54 15.60 8.14
CA MET B 527 -27.48 16.64 9.15
C MET B 527 -26.71 16.16 10.37
N CYS B 528 -26.35 14.87 10.40
CA CYS B 528 -25.51 14.30 11.42
C CYS B 528 -24.08 14.20 10.91
N ASN B 529 -23.93 13.78 9.64
CA ASN B 529 -22.62 13.73 9.00
C ASN B 529 -21.90 15.07 9.11
N ILE B 530 -22.62 16.17 8.87
CA ILE B 530 -22.06 17.51 8.98
C ILE B 530 -21.50 17.74 10.39
N SER B 531 -22.23 17.31 11.42
CA SER B 531 -21.78 17.55 12.79
C SER B 531 -20.43 16.90 13.05
N LEU B 532 -20.24 15.70 12.51
CA LEU B 532 -19.00 14.97 12.79
C LEU B 532 -17.88 15.44 11.88
N TRP B 533 -18.18 16.36 10.94
CA TRP B 533 -17.23 16.89 9.99
C TRP B 533 -16.81 18.28 10.43
N ILE B 534 -17.72 18.99 11.08
CA ILE B 534 -17.40 20.29 11.67
C ILE B 534 -16.51 20.09 12.89
N LEU B 535 -16.85 19.11 13.76
CA LEU B 535 -16.05 18.89 14.96
C LEU B 535 -14.55 18.77 14.72
N PRO B 536 -14.06 17.84 13.88
CA PRO B 536 -12.61 17.84 13.62
C PRO B 536 -12.14 19.00 12.76
N ALA B 537 -13.00 19.56 11.91
CA ALA B 537 -12.60 20.65 11.05
C ALA B 537 -12.20 21.90 11.82
N PHE B 538 -12.83 22.17 12.96
CA PHE B 538 -12.57 23.39 13.71
C PHE B 538 -11.63 23.19 14.90
N GLY B 539 -10.89 22.09 14.92
CA GLY B 539 -9.84 21.90 15.91
C GLY B 539 -10.20 21.40 17.30
N CYS B 540 -11.31 20.68 17.48
CA CYS B 540 -11.66 20.18 18.80
C CYS B 540 -11.06 18.80 19.06
N ARG B 541 -10.30 18.27 18.09
CA ARG B 541 -9.77 16.90 18.06
C ARG B 541 -8.95 16.57 19.30
N PRO B 542 -9.46 15.76 20.23
CA PRO B 542 -8.69 15.44 21.44
C PRO B 542 -7.77 14.23 21.31
N GLN B 543 -7.72 13.59 20.15
CA GLN B 543 -7.04 12.30 20.04
C GLN B 543 -5.54 12.44 20.24
N TYR B 544 -4.97 13.62 19.94
CA TYR B 544 -3.54 13.80 20.06
C TYR B 544 -3.07 13.78 21.52
N ASP B 545 -3.98 14.02 22.46
CA ASP B 545 -3.66 14.10 23.88
C ASP B 545 -3.86 12.76 24.60
N ASN B 546 -4.15 11.69 23.88
CA ASN B 546 -4.40 10.40 24.51
C ASN B 546 -3.11 9.79 25.04
N PRO B 547 -2.94 9.59 26.35
CA PRO B 547 -1.70 8.96 26.85
C PRO B 547 -1.65 7.46 26.63
N LEU B 548 -2.80 6.80 26.45
CA LEU B 548 -2.80 5.36 26.31
C LEU B 548 -2.20 4.91 24.98
N GLU B 549 -2.71 5.43 23.87
CA GLU B 549 -2.24 4.95 22.58
C GLU B 549 -0.93 5.60 22.15
N ASN B 550 -0.35 6.45 22.99
CA ASN B 550 0.96 7.00 22.71
C ASN B 550 2.03 6.16 23.39
N GLU B 551 1.72 5.71 24.60
CA GLU B 551 2.59 4.76 25.26
C GLU B 551 2.53 3.41 24.55
N THR B 552 1.33 3.04 24.08
CA THR B 552 1.17 1.76 23.41
C THR B 552 1.80 1.74 22.02
N PHE B 553 1.62 2.81 21.22
CA PHE B 553 2.15 2.81 19.86
C PHE B 553 3.39 3.68 19.65
N GLY B 554 3.67 4.61 20.55
CA GLY B 554 4.75 5.55 20.37
C GLY B 554 4.21 6.90 19.93
N THR B 555 4.86 7.97 20.39
CA THR B 555 4.35 9.30 20.08
C THR B 555 4.33 9.56 18.59
N SER B 556 5.42 9.24 17.89
CA SER B 556 5.49 9.56 16.47
C SER B 556 4.60 8.65 15.63
N VAL B 557 4.36 7.42 16.09
CA VAL B 557 3.52 6.50 15.32
C VAL B 557 2.05 6.85 15.51
N TRP B 558 1.63 7.06 16.76
CA TRP B 558 0.24 7.40 16.99
C TRP B 558 -0.08 8.74 16.34
N THR B 559 0.84 9.70 16.46
CA THR B 559 0.64 11.00 15.84
C THR B 559 0.48 10.85 14.34
N THR B 560 1.35 10.05 13.70
CA THR B 560 1.22 9.86 12.25
C THR B 560 -0.11 9.21 11.88
N VAL B 561 -0.54 8.21 12.65
CA VAL B 561 -1.80 7.54 12.35
C VAL B 561 -2.95 8.54 12.43
N LEU B 562 -2.95 9.40 13.44
CA LEU B 562 -4.00 10.41 13.52
C LEU B 562 -3.88 11.39 12.35
N ASN B 563 -2.64 11.73 11.96
CA ASN B 563 -2.43 12.66 10.85
C ASN B 563 -2.93 12.09 9.54
N VAL B 564 -2.98 10.76 9.42
CA VAL B 564 -3.55 10.14 8.24
C VAL B 564 -5.07 10.08 8.33
N ALA B 565 -5.58 9.58 9.45
CA ALA B 565 -7.02 9.36 9.59
C ALA B 565 -7.84 10.64 9.57
N ILE B 566 -7.36 11.70 10.20
CA ILE B 566 -8.11 12.95 10.33
C ILE B 566 -8.39 13.65 8.99
N PRO B 567 -7.36 14.00 8.20
CA PRO B 567 -7.65 14.67 6.92
C PRO B 567 -8.38 13.80 5.92
N LEU B 568 -8.28 12.47 6.03
CA LEU B 568 -9.03 11.63 5.11
C LEU B 568 -10.48 11.54 5.56
N ASN B 569 -10.69 11.49 6.88
CA ASN B 569 -12.04 11.48 7.44
C ASN B 569 -12.78 12.75 7.08
N LEU B 570 -12.05 13.88 6.98
CA LEU B 570 -12.70 15.13 6.60
C LEU B 570 -13.15 15.10 5.15
N PHE B 571 -12.59 14.21 4.34
CA PHE B 571 -12.99 14.07 2.94
C PHE B 571 -14.17 13.12 2.86
N TYR B 572 -14.08 12.00 3.60
CA TYR B 572 -15.14 11.01 3.62
C TYR B 572 -16.45 11.65 4.01
N ARG B 573 -16.45 12.43 5.09
CA ARG B 573 -17.72 12.97 5.57
C ARG B 573 -18.36 13.90 4.54
N MET B 574 -17.55 14.70 3.84
CA MET B 574 -18.14 15.57 2.82
C MET B 574 -18.70 14.74 1.67
N HIS B 575 -17.99 13.68 1.31
CA HIS B 575 -18.48 12.81 0.24
C HIS B 575 -19.80 12.18 0.64
N SER B 576 -19.89 11.74 1.90
CA SER B 576 -21.12 11.14 2.42
C SER B 576 -22.27 12.14 2.37
N VAL B 577 -22.02 13.38 2.78
CA VAL B 577 -23.06 14.39 2.77
C VAL B 577 -23.54 14.66 1.36
N ALA B 578 -22.60 14.83 0.42
CA ALA B 578 -23.00 15.12 -0.96
C ALA B 578 -23.79 13.95 -1.54
N SER B 579 -23.37 12.72 -1.26
CA SER B 579 -24.05 11.56 -1.81
C SER B 579 -25.45 11.42 -1.23
N LEU B 580 -25.58 11.58 0.09
CA LEU B 580 -26.91 11.48 0.71
C LEU B 580 -27.81 12.59 0.22
N PHE B 581 -27.26 13.80 0.02
CA PHE B 581 -28.04 14.90 -0.50
C PHE B 581 -28.58 14.56 -1.88
N GLU B 582 -27.72 14.04 -2.76
CA GLU B 582 -28.17 13.68 -4.10
C GLU B 582 -29.21 12.56 -4.05
N VAL B 583 -29.05 11.62 -3.11
CA VAL B 583 -30.09 10.60 -2.91
C VAL B 583 -31.42 11.25 -2.55
N PHE B 584 -31.38 12.25 -1.66
CA PHE B 584 -32.59 12.96 -1.25
C PHE B 584 -33.05 13.92 -2.33
CAA Y01 C . 1.41 1.64 -5.36
CBA Y01 C . 2.46 0.74 -4.72
CAB Y01 C . 2.25 -0.71 -5.15
CAN Y01 C . 2.55 0.82 -3.18
CAJ Y01 C . 3.92 1.22 -2.58
CAO Y01 C . 4.12 0.81 -1.11
CBB Y01 C . 5.59 0.35 -0.83
CAC Y01 C . 6.47 1.53 -1.18
CBE Y01 C . 5.68 -0.14 0.68
CAP Y01 C . 5.02 -1.57 0.79
CAQ Y01 C . 5.87 -2.41 1.77
CBG Y01 C . 6.56 -1.31 2.55
CBI Y01 C . 7.05 -0.35 1.43
CAE Y01 C . 8.11 -0.96 0.49
CAU Y01 C . 7.62 0.87 2.18
CAS Y01 C . 8.68 0.52 3.24
CBF Y01 C . 8.21 -0.50 4.30
CBD Y01 C . 7.66 -1.73 3.56
CAK Y01 C . 7.09 -2.71 4.55
CAI Y01 C . 7.60 -2.65 5.86
CAZ Y01 C . 8.65 -1.88 6.33
CAV Y01 C . 8.93 -2.09 7.78
CBH Y01 C . 9.27 -0.92 5.40
CAD Y01 C . 10.58 -1.50 4.84
CAT Y01 C . 9.62 0.28 6.29
CAR Y01 C . 10.49 -0.06 7.51
CBC Y01 C . 9.76 -0.99 8.47
OAW Y01 C . 10.63 -1.77 9.27
CAY Y01 C . 10.41 -1.80 10.61
OAG Y01 C . 9.72 -2.79 10.94
CAM Y01 C . 10.93 -0.78 11.52
CAL Y01 C . 12.29 -1.13 12.11
CAX Y01 C . 12.14 -1.78 13.51
OAH Y01 C . 12.35 -1.03 14.49
OAF Y01 C . 11.85 -2.99 13.54
CAA Y01 D . -2.07 -5.22 -2.63
CBA Y01 D . -2.67 -4.73 -1.33
CAB Y01 D . -3.93 -5.55 -0.97
CAN Y01 D . -1.67 -4.73 -0.14
CAJ Y01 D . -0.44 -3.79 -0.24
CAO Y01 D . 0.80 -4.41 0.40
CBB Y01 D . 0.69 -4.49 1.95
CAC Y01 D . 0.83 -5.94 2.35
CBE Y01 D . 1.74 -3.52 2.60
CAP Y01 D . 1.36 -2.06 2.22
CAQ Y01 D . 1.98 -1.12 3.28
CBG Y01 D . 2.66 -2.04 4.27
CBI Y01 D . 1.91 -3.41 4.14
CAE Y01 D . 0.54 -3.50 4.87
CAU Y01 D . 2.93 -4.38 4.75
CAS Y01 D . 3.18 -4.15 6.26
CBF Y01 D . 3.32 -2.64 6.70
CBD Y01 D . 2.78 -1.54 5.74
CAK Y01 D . 3.69 -0.33 5.83
CAI Y01 D . 4.14 0.02 7.11
CAZ Y01 D . 4.16 -0.77 8.25
CAV Y01 D . 4.72 -0.12 9.46
CBH Y01 D . 3.64 -2.16 8.21
CAD Y01 D . 2.39 -2.17 9.13
CAT Y01 D . 4.74 -3.02 8.85
CAR Y01 D . 5.29 -2.52 10.22
CBC Y01 D . 5.70 -1.04 10.17
OAW Y01 D . 5.84 -0.46 11.45
CAY Y01 D . 7.11 -0.08 11.78
OAG Y01 D . 7.73 -1.01 12.32
CAM Y01 D . 7.64 1.27 11.50
CAL Y01 D . 8.33 1.90 12.71
CAX Y01 D . 7.64 1.51 14.03
OAH Y01 D . 6.44 1.88 14.18
OAF Y01 D . 8.33 0.86 14.85
C1 QNJ E . 23.15 -26.03 1.89
C2 QNJ E . 23.63 -26.71 3.20
C3 QNJ E . 24.99 -27.39 2.97
C4 QNJ E . 24.85 -28.41 1.73
C5 QNJ E . 23.52 -28.43 0.75
C6 QNJ E . 22.71 -29.48 0.42
C7 QNJ E . 21.81 -29.44 -0.90
C8 QNJ E . 21.19 -28.02 -1.23
C9 QNJ E . 21.41 -27.00 0.00
C10 QNJ E . 22.98 -26.97 0.59
C11 QNJ E . 20.84 -25.56 -0.39
C12 QNJ E . 19.34 -25.54 -0.89
C13 QNJ E . 19.08 -26.51 -2.09
C14 QNJ E . 19.61 -27.95 -1.77
C15 QNJ E . 19.08 -28.74 -3.08
C16 QNJ E . 17.81 -27.96 -3.66
C17 QNJ E . 17.53 -26.80 -2.65
C18 QNJ E . 19.90 -25.87 -3.25
C19 QNJ E . 23.94 -26.38 -0.46
C20 QNJ E . 16.68 -25.60 -3.27
C21 QNJ E . 16.44 -24.54 -2.18
C22 QNJ E . 15.29 -26.05 -3.93
C23 QNJ E . 14.36 -24.92 -4.54
C24 QNJ E . 13.08 -25.36 -5.35
C25 QNJ E . 12.22 -24.19 -6.03
C26 QNJ E . 11.30 -24.82 -7.10
C27 QNJ E . 11.37 -23.33 -5.02
O1 QNJ E . 25.93 -26.34 2.71
C1 QNJ F . 21.57 -27.94 6.28
C2 QNJ F . 22.97 -28.03 7.00
C3 QNJ F . 22.96 -29.11 8.09
C4 QNJ F . 21.46 -29.71 8.28
C5 QNJ F . 20.64 -30.31 7.03
C6 QNJ F . 19.50 -31.06 7.06
C7 QNJ F . 18.75 -31.55 5.73
C8 QNJ F . 18.83 -30.51 4.52
C9 QNJ F . 19.45 -29.11 5.00
C10 QNJ F . 20.87 -29.32 5.86
C11 QNJ F . 19.56 -28.11 3.78
C12 QNJ F . 18.26 -27.93 2.90
C13 QNJ F . 17.66 -29.29 2.42
C14 QNJ F . 17.47 -30.28 3.61
C15 QNJ F . 16.66 -31.46 2.89
C16 QNJ F . 15.99 -30.89 1.57
C17 QNJ F . 16.19 -29.35 1.66
C18 QNJ F . 18.75 -29.85 1.42
C19 QNJ F . 21.96 -30.05 5.02
C20 QNJ F . 16.01 -28.56 0.27
C21 QNJ F . 15.83 -27.05 0.57
C22 QNJ F . 14.85 -29.08 -0.70
C23 QNJ F . 15.17 -30.35 -1.58
C24 QNJ F . 14.32 -31.68 -1.38
C25 QNJ F . 12.82 -31.57 -0.87
C26 QNJ F . 12.07 -30.61 -1.81
C27 QNJ F . 12.06 -32.93 -0.77
O1 QNJ F . 23.87 -30.14 7.68
CAA Y01 G . -5.06 -2.67 0.88
CBA Y01 G . -4.88 -1.43 1.73
CAB Y01 G . -5.56 -0.23 1.07
CAN Y01 G . -3.41 -1.08 2.10
CAJ Y01 G . -3.09 -0.99 3.60
CAO Y01 G . -1.82 -0.16 3.94
CBB Y01 G . -2.00 0.66 5.25
CAC Y01 G . -2.29 -0.34 6.35
CBE Y01 G . -0.70 1.55 5.46
CAP Y01 G . -0.75 2.77 4.47
CAQ Y01 G . -0.20 4.01 5.22
CBG Y01 G . 0.61 3.35 6.31
CBI Y01 G . -0.36 2.25 6.83
CAE Y01 G . -1.62 2.79 7.51
CAU Y01 G . 0.48 1.43 7.83
CAS Y01 G . 1.18 2.27 8.93
CBF Y01 G . 2.06 3.41 8.38
CBD Y01 G . 1.23 4.24 7.41
CAK Y01 G . 2.08 5.31 6.77
CAI Y01 G . 3.22 5.72 7.49
CAZ Y01 G . 3.58 5.34 8.77
CAV Y01 G . 4.85 5.98 9.24
CBH Y01 G . 2.77 4.33 9.47
CAD Y01 G . 1.81 5.00 10.47
CAT Y01 G . 3.79 3.51 10.26
CAR Y01 G . 4.68 4.35 11.21
CBC Y01 G . 5.55 5.32 10.43
OAW Y01 G . 5.93 6.46 11.19
CAY Y01 G . 7.25 6.80 11.19
OAG Y01 G . 7.50 7.67 10.33
CAM Y01 G . 8.21 6.20 12.12
CAL Y01 G . 8.37 6.98 13.41
CAX Y01 G . 9.60 7.93 13.35
OAH Y01 G . 10.64 7.53 13.91
OAF Y01 G . 9.43 9.01 12.74
CAA Y01 H . -3.16 3.74 -3.83
CBA Y01 H . -1.67 3.50 -4.04
CAB Y01 H . -1.22 4.08 -5.39
CAN Y01 H . -0.77 4.03 -2.89
CAJ Y01 H . -0.95 3.39 -1.49
CAO Y01 H . -0.78 4.42 -0.36
CBB Y01 H . 0.70 4.87 -0.22
CAC Y01 H . 0.74 6.38 -0.42
CBE Y01 H . 1.29 4.37 1.14
CAP Y01 H . 1.34 2.82 1.10
CAQ Y01 H . 2.40 2.35 2.12
CBG Y01 H . 2.99 3.63 2.69
CBI Y01 H . 2.74 4.72 1.60
CAE Y01 H . 3.72 4.72 0.39
CAU Y01 H . 2.86 6.02 2.40
CAS Y01 H . 4.29 6.26 2.96
CBF Y01 H . 5.00 4.99 3.58
CBD Y01 H . 4.45 3.58 3.19
CAK Y01 H . 4.59 2.67 4.40
CAI Y01 H . 5.78 2.79 5.13
CAZ Y01 H . 6.68 3.84 5.13
CAV Y01 H . 7.85 3.68 6.04
CBH Y01 H . 6.47 5.01 4.26
CAD Y01 H . 7.63 5.00 3.24
CAT Y01 H . 6.63 6.24 5.19
CAR Y01 H . 7.90 6.26 6.06
CBC Y01 H . 8.09 4.94 6.85
OAW Y01 H . 9.40 4.77 7.36
CAY Y01 H . 9.49 4.78 8.72
OAG Y01 H . 9.66 5.93 9.15
CAM Y01 H . 9.41 3.56 9.54
CAL Y01 H . 10.53 3.44 10.55
CAX Y01 H . 11.85 4.01 10.02
OAH Y01 H . 12.35 3.45 9.02
OAF Y01 H . 12.32 4.99 10.64
C1 QNJ I . -9.24 29.96 15.28
C2 QNJ I . -8.25 31.07 15.78
C3 QNJ I . -8.94 31.93 16.84
C4 QNJ I . -10.31 32.53 16.23
C5 QNJ I . -10.93 32.00 14.79
C6 QNJ I . -11.29 32.71 13.69
C7 QNJ I . -12.32 32.13 12.62
C8 QNJ I . -12.17 30.57 12.36
C9 QNJ I . -10.84 29.99 13.06
C10 QNJ I . -10.63 30.47 14.65
C11 QNJ I . -10.77 28.41 12.83
C12 QNJ I . -10.89 27.93 11.33
C13 QNJ I . -12.17 28.46 10.61
C14 QNJ I . -12.32 30.02 10.79
C15 QNJ I . -13.59 30.29 9.85
C16 QNJ I . -13.69 29.13 8.75
C17 QNJ I . -12.41 28.25 8.98
C18 QNJ I . -13.32 27.73 11.37
C19 QNJ I . -11.73 29.83 15.54
C20 QNJ I . -12.54 26.77 8.38
C21 QNJ I . -11.22 26.01 8.63
C22 QNJ I . -12.95 26.71 6.83
C23 QNJ I . -13.06 25.29 6.15
C24 QNJ I . -13.63 25.19 4.68
C25 QNJ I . -13.81 23.74 4.05
C26 QNJ I . -14.75 23.84 2.83
C27 QNJ I . -12.47 23.02 3.66
O1 QNJ I . -9.18 31.08 17.98
C1 QNJ J . -5.12 32.58 14.02
C2 QNJ J . -4.79 33.18 15.44
C3 QNJ J . -3.98 34.48 15.32
C4 QNJ J . -3.59 34.76 13.78
C5 QNJ J . -4.72 34.82 12.63
C6 QNJ J . -4.60 35.29 11.34
C7 QNJ J . -5.79 35.22 10.28
C8 QNJ J . -6.72 33.94 10.43
C9 QNJ J . -6.11 32.89 11.48
C10 QNJ J . -5.66 33.62 12.91
C11 QNJ J . -7.07 31.64 11.65
C12 QNJ J . -7.57 30.96 10.31
C13 QNJ J . -8.18 31.97 9.29
C14 QNJ J . -7.22 33.18 9.04
C15 QNJ J . -7.97 33.92 7.84
C16 QNJ J . -8.94 32.90 7.13
C17 QNJ J . -8.57 31.50 7.75
C18 QNJ J . -9.49 32.47 10.02
C19 QNJ J . -6.87 34.32 13.60
C20 QNJ J . -9.67 30.35 7.56
C21 QNJ J . -9.01 28.98 7.84
C22 QNJ J . -10.43 30.33 6.16
C23 QNJ J . -11.62 31.35 5.96
C24 QNJ J . -11.53 32.47 4.84
C25 QNJ J . -10.67 32.18 3.53
C26 QNJ J . -11.17 30.86 2.91
C27 QNJ J . -10.70 33.31 2.46
O1 QNJ J . -4.81 35.53 15.85
#